data_6LL0
#
_entry.id   6LL0
#
_cell.length_a   92.087
_cell.length_b   92.087
_cell.length_c   243.504
_cell.angle_alpha   90.000
_cell.angle_beta   90.000
_cell.angle_gamma   120.000
#
_symmetry.space_group_name_H-M   'P 65'
#
loop_
_entity.id
_entity.type
_entity.pdbx_description
1 polymer 'Terminal oxygenase component of carbazole'
2 non-polymer 'FE2/S2 (INORGANIC) CLUSTER'
3 non-polymer 'FE (II) ION'
4 non-polymer 9H-CARBAZOLE
5 non-polymer 1,2-ETHANEDIOL
6 non-polymer DI(HYDROXYETHYL)ETHER
7 non-polymer 'TRIETHYLENE GLYCOL'
8 non-polymer 'MAGNESIUM ION'
9 water water
#
_entity_poly.entity_id   1
_entity_poly.type   'polypeptide(L)'
_entity_poly.pdbx_seq_one_letter_code
;MANVDEAILKRVKGWAPYVDAKLGFRNHWYPVMFSKEINEGEPKTLKLLGENLLVNRIDGKLYCLKDRCLHRGVQLSVKV
ECKTKSTITCWYHAWTYRWEDGVLCDILTNPTSAQIGRQKLKTYPVQEAKGCVFIYLGDGDPPPLARDTPPNFLDDDMEI
LGKNQIIKSNWRLAVENGFDPSHIYIHKDSILVKDNDLALPLGFAPGGDRKQQTRVVDDDVVGRKGVYDLIGEHGVPVFE
GTIGGEVVREGAYGEKIVANDISIWLPGVLKVNPFPNPDMMQFEWYVPIDENTHYYFQTLGKPCANDEERKKYEQEFESK
WKPMALEGFNNDDIWAREAMVDFYADDKGWVNEILFESDEAIVAWRKLASEHNQGIQTQAHVSGLEHHHHHH
;
_entity_poly.pdbx_strand_id   A,B,C
#
# COMPACT_ATOMS: atom_id res chain seq x y z
N ALA A 2 10.33 0.74 21.64
CA ALA A 2 11.13 0.83 20.37
C ALA A 2 10.26 0.68 19.12
N ASN A 3 9.00 0.24 19.22
CA ASN A 3 8.13 -0.05 18.03
C ASN A 3 6.97 0.95 17.91
N VAL A 4 6.66 1.66 18.99
CA VAL A 4 5.44 2.53 19.08
C VAL A 4 5.88 3.94 19.50
N ASP A 5 5.28 4.95 18.86
CA ASP A 5 5.42 6.38 19.23
C ASP A 5 5.47 6.50 20.77
N GLU A 6 6.44 7.25 21.29
CA GLU A 6 6.61 7.54 22.75
C GLU A 6 5.37 8.27 23.29
N ALA A 7 4.69 9.05 22.45
CA ALA A 7 3.41 9.73 22.77
C ALA A 7 2.43 8.70 23.36
N ILE A 8 2.26 7.59 22.63
CA ILE A 8 1.22 6.56 22.91
C ILE A 8 1.64 5.77 24.15
N LEU A 9 2.91 5.35 24.23
CA LEU A 9 3.41 4.51 25.35
C LEU A 9 3.19 5.26 26.68
N LYS A 10 3.46 6.57 26.73
CA LYS A 10 3.25 7.42 27.94
C LYS A 10 1.80 7.34 28.42
N ARG A 11 0.84 7.04 27.53
CA ARG A 11 -0.62 7.06 27.82
C ARG A 11 -1.19 5.67 28.14
N VAL A 12 -0.34 4.64 28.27
CA VAL A 12 -0.76 3.24 28.60
C VAL A 12 0.23 2.70 29.64
N LYS A 13 0.44 3.45 30.72
CA LYS A 13 1.53 3.19 31.70
C LYS A 13 1.26 1.91 32.49
N GLY A 14 0.00 1.45 32.53
CA GLY A 14 -0.37 0.17 33.15
C GLY A 14 0.31 -1.02 32.47
N TRP A 15 0.64 -0.90 31.18
CA TRP A 15 1.05 -2.07 30.35
C TRP A 15 1.75 -1.67 29.03
N ALA A 16 2.62 -0.64 29.07
CA ALA A 16 3.33 -0.06 27.88
C ALA A 16 4.14 -1.11 27.12
N PRO A 17 4.92 -2.01 27.79
CA PRO A 17 5.71 -3.01 27.07
C PRO A 17 4.86 -3.91 26.16
N TYR A 18 3.66 -4.30 26.61
CA TYR A 18 2.68 -5.05 25.80
C TYR A 18 2.26 -4.26 24.56
N VAL A 19 2.01 -2.95 24.71
CA VAL A 19 1.57 -2.10 23.57
C VAL A 19 2.76 -1.95 22.61
N ASP A 20 3.96 -2.11 23.12
CA ASP A 20 5.19 -1.99 22.29
C ASP A 20 5.44 -3.29 21.51
N ALA A 21 4.97 -4.43 22.02
CA ALA A 21 5.26 -5.81 21.52
C ALA A 21 4.48 -6.11 20.23
N LYS A 22 4.56 -5.20 19.27
CA LYS A 22 3.91 -5.26 17.93
C LYS A 22 4.31 -6.57 17.25
N LEU A 23 5.61 -6.91 17.29
CA LEU A 23 6.21 -8.12 16.66
C LEU A 23 6.27 -9.27 17.65
N GLY A 24 5.67 -9.13 18.83
CA GLY A 24 5.69 -10.17 19.87
C GLY A 24 7.01 -10.22 20.64
N PHE A 25 7.13 -11.21 21.52
CA PHE A 25 8.21 -11.33 22.52
C PHE A 25 9.32 -12.25 22.04
N ARG A 26 10.52 -11.71 21.98
CA ARG A 26 11.77 -12.47 21.76
C ARG A 26 12.05 -13.36 22.97
N ASN A 27 12.80 -14.44 22.76
CA ASN A 27 13.32 -15.35 23.82
C ASN A 27 12.16 -16.15 24.40
N HIS A 28 11.24 -16.60 23.55
CA HIS A 28 10.22 -17.63 23.89
C HIS A 28 10.18 -18.67 22.78
N TRP A 29 9.69 -19.85 23.11
CA TRP A 29 9.31 -20.91 22.15
C TRP A 29 8.00 -20.56 21.43
N TYR A 30 7.92 -20.78 20.11
CA TYR A 30 6.66 -20.62 19.35
C TYR A 30 6.42 -21.82 18.45
N PRO A 31 5.19 -22.36 18.41
CA PRO A 31 4.83 -23.37 17.42
C PRO A 31 4.69 -22.74 16.04
N VAL A 32 5.23 -23.36 15.00
CA VAL A 32 5.21 -22.79 13.63
C VAL A 32 4.60 -23.77 12.66
N MET A 33 4.66 -25.08 12.92
CA MET A 33 4.09 -26.09 11.99
C MET A 33 4.00 -27.43 12.73
N PHE A 34 3.48 -28.46 12.07
CA PHE A 34 3.35 -29.84 12.62
C PHE A 34 4.52 -30.66 12.11
N SER A 35 5.04 -31.56 12.97
CA SER A 35 6.08 -32.58 12.65
C SER A 35 5.79 -33.27 11.31
N LYS A 36 4.54 -33.65 11.07
CA LYS A 36 4.13 -34.41 9.85
C LYS A 36 4.29 -33.53 8.60
N GLU A 37 4.31 -32.20 8.74
CA GLU A 37 4.31 -31.26 7.58
C GLU A 37 5.75 -31.05 7.07
N ILE A 38 6.75 -31.57 7.76
CA ILE A 38 8.17 -31.42 7.31
C ILE A 38 8.79 -32.82 7.20
N ASN A 39 9.24 -33.15 6.00
CA ASN A 39 9.86 -34.45 5.62
C ASN A 39 11.39 -34.31 5.61
N GLU A 40 12.07 -35.43 5.77
CA GLU A 40 13.55 -35.58 5.73
C GLU A 40 14.13 -34.80 4.54
N GLY A 41 15.09 -33.92 4.75
CA GLY A 41 15.73 -33.13 3.68
C GLY A 41 14.74 -32.37 2.80
N GLU A 42 13.58 -31.94 3.32
CA GLU A 42 12.62 -31.06 2.59
C GLU A 42 12.53 -29.71 3.30
N PRO A 43 13.49 -28.78 3.11
CA PRO A 43 13.51 -27.57 3.90
C PRO A 43 12.19 -26.79 3.72
N LYS A 44 11.65 -26.19 4.77
CA LYS A 44 10.44 -25.33 4.67
C LYS A 44 10.83 -23.93 5.12
N THR A 45 10.30 -22.91 4.45
CA THR A 45 10.52 -21.50 4.86
C THR A 45 9.27 -21.02 5.59
N LEU A 46 9.44 -20.13 6.55
CA LEU A 46 8.33 -19.47 7.25
C LEU A 46 8.87 -18.17 7.84
N LYS A 47 7.97 -17.35 8.36
CA LYS A 47 8.35 -16.06 8.98
C LYS A 47 7.81 -16.04 10.41
N LEU A 48 8.68 -15.68 11.35
CA LEU A 48 8.37 -15.70 12.80
C LEU A 48 8.97 -14.45 13.44
N LEU A 49 8.14 -13.66 14.11
CA LEU A 49 8.53 -12.37 14.72
C LEU A 49 9.27 -11.52 13.67
N GLY A 50 8.82 -11.57 12.41
CA GLY A 50 9.33 -10.74 11.29
C GLY A 50 10.55 -11.32 10.62
N GLU A 51 11.08 -12.43 11.14
CA GLU A 51 12.35 -13.03 10.70
C GLU A 51 12.03 -14.17 9.74
N ASN A 52 12.59 -14.17 8.54
CA ASN A 52 12.49 -15.33 7.62
C ASN A 52 13.43 -16.46 8.07
N LEU A 53 12.90 -17.66 8.24
CA LEU A 53 13.64 -18.82 8.79
C LEU A 53 13.50 -20.02 7.85
N LEU A 54 14.56 -20.83 7.82
CA LEU A 54 14.55 -22.13 7.13
C LEU A 54 14.55 -23.24 8.17
N VAL A 55 13.64 -24.20 8.03
CA VAL A 55 13.63 -25.43 8.86
C VAL A 55 13.91 -26.61 7.94
N ASN A 56 14.70 -27.57 8.42
CA ASN A 56 15.01 -28.82 7.71
C ASN A 56 15.09 -29.97 8.70
N ARG A 57 14.70 -31.18 8.25
CA ARG A 57 14.84 -32.45 8.98
C ARG A 57 15.99 -33.25 8.35
N ILE A 58 17.02 -33.52 9.15
CA ILE A 58 18.28 -34.22 8.74
C ILE A 58 18.52 -35.35 9.75
N ASP A 59 18.44 -36.58 9.25
CA ASP A 59 18.45 -37.83 10.06
C ASP A 59 17.39 -37.74 11.17
N GLY A 60 16.15 -37.33 10.82
CA GLY A 60 15.00 -37.25 11.72
C GLY A 60 14.97 -36.01 12.60
N LYS A 61 16.10 -35.30 12.77
CA LYS A 61 16.24 -34.14 13.69
C LYS A 61 16.04 -32.82 12.95
N LEU A 62 15.40 -31.84 13.61
CA LEU A 62 15.10 -30.50 13.07
C LEU A 62 16.23 -29.52 13.41
N TYR A 63 16.53 -28.66 12.45
CA TYR A 63 17.55 -27.59 12.49
C TYR A 63 16.93 -26.36 11.84
N CYS A 64 17.31 -25.18 12.31
CA CYS A 64 16.74 -23.89 11.86
C CYS A 64 17.86 -22.87 11.63
N LEU A 65 17.98 -22.39 10.40
CA LEU A 65 18.86 -21.25 9.98
C LEU A 65 17.99 -20.04 9.62
N LYS A 66 18.52 -18.83 9.79
CA LYS A 66 17.90 -17.59 9.24
C LYS A 66 17.98 -17.70 7.72
N ASP A 67 16.88 -17.41 7.07
CA ASP A 67 16.71 -17.49 5.58
C ASP A 67 17.16 -16.16 5.00
N ARG A 68 18.42 -15.81 5.20
CA ARG A 68 19.03 -14.53 4.78
C ARG A 68 20.56 -14.68 4.72
N CYS A 69 21.09 -14.87 3.51
CA CYS A 69 22.54 -15.09 3.27
C CYS A 69 23.31 -13.92 3.87
N LEU A 70 24.44 -14.17 4.52
CA LEU A 70 25.30 -13.12 5.13
C LEU A 70 25.85 -12.17 4.06
N HIS A 71 25.96 -12.63 2.81
CA HIS A 71 26.68 -11.94 1.72
C HIS A 71 25.85 -10.76 1.20
N ARG A 72 24.80 -11.04 0.43
CA ARG A 72 23.96 -10.01 -0.24
C ARG A 72 22.50 -10.07 0.24
N GLY A 73 22.22 -10.84 1.30
CA GLY A 73 20.94 -10.75 2.05
C GLY A 73 19.77 -11.38 1.33
N VAL A 74 20.03 -12.26 0.37
CA VAL A 74 18.96 -12.95 -0.39
C VAL A 74 18.39 -14.07 0.49
N GLN A 75 17.12 -14.45 0.30
CA GLN A 75 16.59 -15.69 0.93
C GLN A 75 17.21 -16.84 0.15
N LEU A 76 17.77 -17.82 0.87
CA LEU A 76 18.31 -19.06 0.29
C LEU A 76 17.16 -19.86 -0.30
N SER A 77 15.96 -19.70 0.28
CA SER A 77 14.72 -20.45 -0.06
C SER A 77 14.21 -20.08 -1.47
N VAL A 78 14.74 -19.04 -2.11
CA VAL A 78 14.44 -18.70 -3.55
C VAL A 78 14.83 -19.90 -4.44
N LYS A 79 15.99 -20.50 -4.20
CA LYS A 79 16.42 -21.75 -4.89
C LYS A 79 17.28 -22.55 -3.90
N VAL A 80 16.68 -23.51 -3.22
CA VAL A 80 17.36 -24.30 -2.17
C VAL A 80 18.38 -25.22 -2.86
N GLU A 81 19.64 -25.16 -2.42
CA GLU A 81 20.66 -26.16 -2.86
C GLU A 81 21.20 -26.84 -1.62
N CYS A 82 20.71 -28.02 -1.28
CA CYS A 82 21.29 -28.82 -0.19
C CYS A 82 22.16 -29.86 -0.88
N LYS A 83 23.48 -29.67 -0.91
CA LYS A 83 24.43 -30.49 -1.70
C LYS A 83 25.10 -31.57 -0.83
N THR A 84 25.09 -31.42 0.50
CA THR A 84 25.41 -32.49 1.47
C THR A 84 24.35 -32.45 2.56
N LYS A 85 24.08 -33.58 3.24
CA LYS A 85 23.06 -33.64 4.33
C LYS A 85 23.30 -32.49 5.30
N SER A 86 24.56 -32.17 5.56
CA SER A 86 24.98 -31.33 6.71
C SER A 86 24.99 -29.84 6.34
N THR A 87 24.72 -29.48 5.08
CA THR A 87 24.91 -28.09 4.56
C THR A 87 23.77 -27.62 3.65
N ILE A 88 23.66 -26.31 3.52
CA ILE A 88 22.88 -25.63 2.46
C ILE A 88 23.82 -24.66 1.74
N THR A 89 23.65 -24.53 0.43
CA THR A 89 24.49 -23.70 -0.44
C THR A 89 23.61 -22.59 -0.99
N CYS A 90 23.91 -21.34 -0.65
CA CYS A 90 23.22 -20.18 -1.27
C CYS A 90 23.31 -20.31 -2.79
N TRP A 91 22.18 -20.15 -3.47
CA TRP A 91 22.03 -20.27 -4.95
C TRP A 91 22.81 -19.16 -5.67
N TYR A 92 23.11 -18.06 -5.00
CA TYR A 92 23.67 -16.84 -5.64
C TYR A 92 25.19 -16.98 -5.81
N HIS A 93 25.96 -17.07 -4.74
CA HIS A 93 27.44 -17.21 -4.90
C HIS A 93 27.97 -18.41 -4.12
N ALA A 94 27.09 -19.33 -3.74
CA ALA A 94 27.46 -20.67 -3.23
C ALA A 94 28.15 -20.58 -1.86
N TRP A 95 27.91 -19.55 -1.06
CA TRP A 95 28.29 -19.62 0.37
C TRP A 95 27.53 -20.78 1.00
N THR A 96 28.25 -21.64 1.73
CA THR A 96 27.72 -22.93 2.20
C THR A 96 27.72 -22.91 3.72
N TYR A 97 26.58 -23.16 4.34
CA TYR A 97 26.44 -23.07 5.81
C TYR A 97 26.14 -24.45 6.37
N ARG A 98 26.66 -24.72 7.56
CA ARG A 98 26.29 -25.91 8.35
C ARG A 98 24.93 -25.63 9.00
N TRP A 99 23.95 -26.50 8.77
CA TRP A 99 22.68 -26.48 9.51
C TRP A 99 22.95 -26.53 11.01
N GLU A 100 23.96 -27.28 11.45
CA GLU A 100 24.06 -27.63 12.89
C GLU A 100 24.46 -26.39 13.69
N ASP A 101 25.21 -25.44 13.13
CA ASP A 101 25.70 -24.27 13.92
C ASP A 101 25.79 -22.99 13.08
N GLY A 102 25.42 -23.03 11.80
CA GLY A 102 25.37 -21.84 10.92
C GLY A 102 26.73 -21.42 10.38
N VAL A 103 27.80 -22.11 10.74
CA VAL A 103 29.18 -21.77 10.29
C VAL A 103 29.25 -21.81 8.74
N LEU A 104 29.83 -20.76 8.16
CA LEU A 104 30.23 -20.72 6.73
C LEU A 104 31.41 -21.68 6.62
N CYS A 105 31.17 -22.91 6.14
CA CYS A 105 32.23 -23.95 6.07
C CYS A 105 32.93 -23.95 4.71
N ASP A 106 32.22 -23.54 3.64
CA ASP A 106 32.78 -23.53 2.25
C ASP A 106 32.18 -22.38 1.43
N ILE A 107 32.86 -22.02 0.35
CA ILE A 107 32.32 -21.15 -0.75
C ILE A 107 32.74 -21.76 -2.09
N LEU A 108 31.80 -22.33 -2.83
CA LEU A 108 32.12 -23.04 -4.11
C LEU A 108 32.76 -22.04 -5.05
N THR A 109 32.41 -20.75 -4.98
CA THR A 109 32.84 -19.73 -5.99
C THR A 109 34.22 -19.17 -5.64
N ASN A 110 34.76 -19.51 -4.46
CA ASN A 110 36.10 -19.04 -4.04
C ASN A 110 36.54 -19.85 -2.83
N PRO A 111 37.11 -21.05 -3.03
CA PRO A 111 37.45 -21.93 -1.91
C PRO A 111 38.59 -21.38 -1.02
N THR A 112 39.27 -20.33 -1.45
CA THR A 112 40.38 -19.68 -0.68
C THR A 112 39.87 -18.46 0.07
N SER A 113 38.57 -18.19 0.11
CA SER A 113 38.05 -16.96 0.76
C SER A 113 38.51 -16.89 2.21
N ALA A 114 38.91 -15.69 2.66
CA ALA A 114 39.19 -15.38 4.08
C ALA A 114 37.89 -15.47 4.91
N GLN A 115 36.70 -15.45 4.30
CA GLN A 115 35.42 -15.51 5.05
C GLN A 115 35.19 -16.94 5.58
N ILE A 116 35.70 -17.96 4.89
CA ILE A 116 35.41 -19.37 5.25
C ILE A 116 35.86 -19.60 6.69
N GLY A 117 35.00 -20.21 7.51
CA GLY A 117 35.28 -20.53 8.92
C GLY A 117 35.24 -19.30 9.81
N ARG A 118 35.02 -18.11 9.25
CA ARG A 118 35.11 -16.82 9.98
C ARG A 118 33.75 -16.09 10.00
N GLN A 119 32.68 -16.69 9.50
CA GLN A 119 31.31 -16.10 9.60
C GLN A 119 30.34 -17.18 10.06
N LYS A 120 29.20 -16.77 10.61
CA LYS A 120 28.19 -17.69 11.20
C LYS A 120 26.80 -17.18 10.89
N LEU A 121 25.98 -17.94 10.18
CA LEU A 121 24.57 -17.56 9.88
C LEU A 121 23.82 -17.79 11.18
N LYS A 122 22.91 -16.90 11.56
CA LYS A 122 22.11 -17.05 12.79
C LYS A 122 21.36 -18.39 12.74
N THR A 123 21.37 -19.14 13.84
CA THR A 123 20.58 -20.37 14.06
C THR A 123 19.67 -20.14 15.27
N TYR A 124 18.55 -20.88 15.33
CA TYR A 124 17.58 -20.86 16.45
C TYR A 124 17.32 -22.29 16.88
N PRO A 125 17.29 -22.62 18.19
CA PRO A 125 16.94 -23.97 18.61
C PRO A 125 15.55 -24.31 18.09
N VAL A 126 15.36 -25.58 17.77
CA VAL A 126 14.04 -26.11 17.36
C VAL A 126 13.84 -27.45 18.03
N GLN A 127 12.59 -27.78 18.35
CA GLN A 127 12.28 -29.10 18.90
C GLN A 127 10.82 -29.43 18.66
N GLU A 128 10.51 -30.73 18.61
CA GLU A 128 9.14 -31.25 18.40
C GLU A 128 8.60 -31.84 19.69
N ALA A 129 7.37 -31.51 20.03
CA ALA A 129 6.67 -32.01 21.22
C ALA A 129 5.21 -32.16 20.81
N LYS A 130 4.63 -33.34 21.03
CA LYS A 130 3.20 -33.62 20.71
C LYS A 130 2.89 -33.35 19.23
N GLY A 131 3.83 -33.63 18.33
CA GLY A 131 3.67 -33.50 16.87
C GLY A 131 3.67 -32.04 16.41
N CYS A 132 4.15 -31.13 17.27
CA CYS A 132 4.24 -29.66 16.98
C CYS A 132 5.72 -29.25 16.91
N VAL A 133 6.07 -28.44 15.91
CA VAL A 133 7.44 -27.85 15.77
C VAL A 133 7.48 -26.51 16.49
N PHE A 134 8.25 -26.42 17.56
CA PHE A 134 8.54 -25.18 18.31
C PHE A 134 9.91 -24.64 17.92
N ILE A 135 9.98 -23.35 17.61
CA ILE A 135 11.27 -22.63 17.42
C ILE A 135 11.49 -21.68 18.59
N TYR A 136 12.70 -21.65 19.11
CA TYR A 136 13.11 -20.69 20.15
C TYR A 136 13.66 -19.48 19.43
N LEU A 137 12.80 -18.49 19.21
CA LEU A 137 13.18 -17.27 18.47
C LEU A 137 13.80 -16.34 19.51
N GLY A 138 15.07 -16.58 19.82
CA GLY A 138 15.78 -15.81 20.85
C GLY A 138 17.25 -16.17 20.91
N ASP A 139 17.95 -15.53 21.84
CA ASP A 139 19.42 -15.57 21.93
C ASP A 139 19.79 -16.42 23.14
N GLY A 140 20.99 -16.99 23.14
CA GLY A 140 21.53 -17.74 24.29
C GLY A 140 20.88 -19.10 24.38
N ASP A 141 21.08 -19.78 25.52
CA ASP A 141 20.57 -21.14 25.76
C ASP A 141 19.07 -21.06 26.03
N PRO A 142 18.24 -21.91 25.37
CA PRO A 142 16.80 -21.87 25.57
C PRO A 142 16.41 -22.44 26.94
N PRO A 143 15.27 -21.97 27.51
CA PRO A 143 14.66 -22.60 28.68
C PRO A 143 14.04 -23.92 28.25
N PRO A 144 13.57 -24.77 29.19
CA PRO A 144 12.70 -25.89 28.81
C PRO A 144 11.48 -25.36 28.05
N LEU A 145 11.02 -26.14 27.08
CA LEU A 145 9.79 -25.86 26.30
C LEU A 145 8.60 -25.69 27.25
N ALA A 146 8.52 -26.49 28.30
CA ALA A 146 7.46 -26.45 29.34
C ALA A 146 7.22 -25.02 29.84
N ARG A 147 8.26 -24.18 29.97
CA ARG A 147 8.08 -22.79 30.46
C ARG A 147 7.05 -22.03 29.60
N ASP A 148 7.06 -22.24 28.28
CA ASP A 148 6.27 -21.46 27.29
C ASP A 148 5.09 -22.26 26.77
N THR A 149 4.67 -23.27 27.50
CA THR A 149 3.51 -24.11 27.12
C THR A 149 2.55 -24.10 28.27
N PRO A 150 1.24 -24.17 28.00
CA PRO A 150 0.24 -24.14 29.07
C PRO A 150 0.18 -25.45 29.86
N PRO A 151 -0.34 -25.42 31.11
CA PRO A 151 -0.43 -26.62 31.93
C PRO A 151 -1.09 -27.81 31.20
N ASN A 152 -0.49 -29.00 31.34
CA ASN A 152 -1.00 -30.33 30.89
C ASN A 152 -0.71 -30.57 29.40
N PHE A 153 -0.33 -29.55 28.62
CA PHE A 153 -0.01 -29.72 27.18
C PHE A 153 0.99 -30.86 26.98
N LEU A 154 2.01 -30.90 27.84
CA LEU A 154 3.16 -31.81 27.72
C LEU A 154 2.98 -33.09 28.56
N ASP A 155 1.81 -33.38 29.11
CA ASP A 155 1.56 -34.60 29.94
C ASP A 155 1.76 -35.86 29.10
N ASP A 156 2.30 -36.89 29.74
CA ASP A 156 2.63 -38.21 29.14
C ASP A 156 1.46 -38.66 28.26
N ASP A 157 0.22 -38.57 28.75
CA ASP A 157 -0.96 -39.21 28.11
C ASP A 157 -1.77 -38.23 27.26
N MET A 158 -1.33 -36.97 27.13
CA MET A 158 -2.12 -35.93 26.42
C MET A 158 -1.87 -36.05 24.93
N GLU A 159 -2.85 -36.55 24.18
CA GLU A 159 -2.77 -36.63 22.71
C GLU A 159 -3.20 -35.26 22.13
N ILE A 160 -2.32 -34.69 21.30
CA ILE A 160 -2.49 -33.35 20.66
C ILE A 160 -2.80 -33.57 19.19
N LEU A 161 -3.86 -32.93 18.69
CA LEU A 161 -4.19 -32.87 17.24
C LEU A 161 -4.60 -31.44 16.89
N GLY A 162 -4.35 -31.00 15.66
CA GLY A 162 -4.56 -29.57 15.38
C GLY A 162 -4.62 -29.19 13.92
N LYS A 163 -4.58 -27.89 13.74
CA LYS A 163 -4.72 -27.19 12.46
C LYS A 163 -4.05 -25.83 12.64
N ASN A 164 -3.43 -25.34 11.59
CA ASN A 164 -2.66 -24.07 11.57
C ASN A 164 -3.14 -23.30 10.35
N GLN A 165 -3.25 -21.99 10.46
CA GLN A 165 -3.54 -21.11 9.30
C GLN A 165 -3.01 -19.72 9.61
N ILE A 166 -2.67 -19.00 8.56
CA ILE A 166 -2.16 -17.60 8.64
C ILE A 166 -3.39 -16.69 8.69
N ILE A 167 -3.40 -15.71 9.58
CA ILE A 167 -4.53 -14.74 9.75
C ILE A 167 -4.00 -13.32 9.71
N LYS A 168 -4.69 -12.42 9.00
CA LYS A 168 -4.27 -11.00 8.82
C LYS A 168 -4.80 -10.17 9.99
N SER A 169 -4.30 -10.42 11.19
CA SER A 169 -4.40 -9.48 12.34
C SER A 169 -3.13 -9.59 13.15
N ASN A 170 -2.70 -8.47 13.73
CA ASN A 170 -1.72 -8.47 14.83
C ASN A 170 -2.10 -9.57 15.84
N TRP A 171 -1.08 -10.28 16.32
CA TRP A 171 -1.18 -11.42 17.27
C TRP A 171 -1.90 -11.02 18.57
N ARG A 172 -1.72 -9.81 19.08
CA ARG A 172 -2.37 -9.39 20.34
C ARG A 172 -3.90 -9.32 20.17
N LEU A 173 -4.40 -8.96 18.99
CA LEU A 173 -5.87 -8.91 18.76
C LEU A 173 -6.43 -10.32 18.94
N ALA A 174 -5.71 -11.33 18.41
CA ALA A 174 -6.08 -12.75 18.49
C ALA A 174 -6.11 -13.22 19.95
N VAL A 175 -5.04 -12.93 20.72
CA VAL A 175 -4.89 -13.24 22.17
C VAL A 175 -6.12 -12.75 22.92
N GLU A 176 -6.52 -11.51 22.67
CA GLU A 176 -7.56 -10.79 23.44
C GLU A 176 -8.95 -11.27 23.00
N ASN A 177 -9.18 -11.57 21.71
CA ASN A 177 -10.43 -12.27 21.31
C ASN A 177 -10.50 -13.61 22.08
N GLY A 178 -9.47 -14.44 21.96
CA GLY A 178 -9.40 -15.71 22.71
C GLY A 178 -9.77 -15.54 24.18
N PHE A 179 -9.00 -14.74 24.92
CA PHE A 179 -9.11 -14.61 26.39
C PHE A 179 -10.17 -13.55 26.74
N ASP A 180 -11.33 -13.60 26.09
CA ASP A 180 -12.44 -12.62 26.28
C ASP A 180 -13.68 -13.39 26.73
N PRO A 181 -14.08 -13.28 28.02
CA PRO A 181 -15.24 -14.03 28.50
C PRO A 181 -16.57 -13.55 27.89
N SER A 182 -16.62 -12.32 27.36
CA SER A 182 -17.86 -11.69 26.83
CA SER A 182 -17.88 -11.72 26.84
C SER A 182 -17.98 -11.87 25.31
N HIS A 183 -16.91 -12.27 24.64
CA HIS A 183 -16.86 -12.38 23.15
C HIS A 183 -17.65 -13.61 22.72
N ILE A 184 -17.68 -14.61 23.58
CA ILE A 184 -18.50 -15.86 23.52
C ILE A 184 -19.80 -15.57 22.75
N TYR A 185 -20.39 -14.40 22.98
CA TYR A 185 -21.58 -13.88 22.26
C TYR A 185 -21.55 -14.20 20.76
N ILE A 186 -20.40 -14.06 20.10
CA ILE A 186 -20.31 -14.17 18.61
C ILE A 186 -20.57 -15.62 18.20
N HIS A 187 -20.47 -16.57 19.13
CA HIS A 187 -20.52 -18.03 18.86
C HIS A 187 -21.92 -18.60 19.05
N LYS A 188 -22.89 -17.74 19.43
CA LYS A 188 -24.20 -18.16 20.00
C LYS A 188 -25.04 -18.86 18.93
N ASP A 189 -24.69 -18.75 17.64
CA ASP A 189 -25.40 -19.49 16.56
C ASP A 189 -24.47 -20.53 15.90
N SER A 190 -23.32 -20.84 16.52
CA SER A 190 -22.36 -21.85 16.00
C SER A 190 -23.01 -23.25 15.94
N ILE A 191 -22.75 -23.97 14.85
CA ILE A 191 -23.20 -25.37 14.60
C ILE A 191 -22.74 -26.30 15.73
N LEU A 192 -21.54 -26.06 16.29
CA LEU A 192 -20.96 -26.86 17.42
C LEU A 192 -21.87 -26.71 18.66
N VAL A 193 -22.22 -25.47 19.01
CA VAL A 193 -23.06 -25.15 20.21
C VAL A 193 -24.35 -25.97 20.14
N LYS A 194 -24.95 -26.08 18.95
CA LYS A 194 -26.26 -26.73 18.75
C LYS A 194 -26.03 -28.25 18.70
N ASP A 195 -25.15 -28.72 17.80
CA ASP A 195 -24.96 -30.16 17.46
C ASP A 195 -24.12 -30.89 18.50
N ASN A 196 -23.37 -30.17 19.37
CA ASN A 196 -22.60 -30.82 20.47
C ASN A 196 -23.31 -30.53 21.80
N ASP A 197 -24.52 -29.96 21.74
CA ASP A 197 -25.39 -29.69 22.90
C ASP A 197 -24.55 -29.04 24.00
N LEU A 198 -24.02 -27.84 23.76
CA LEU A 198 -23.16 -27.11 24.72
C LEU A 198 -24.02 -26.17 25.57
N ALA A 199 -23.61 -25.94 26.81
CA ALA A 199 -24.23 -24.96 27.74
C ALA A 199 -23.52 -23.62 27.59
N LEU A 200 -23.54 -23.04 26.39
CA LEU A 200 -22.86 -21.74 26.10
C LEU A 200 -23.80 -20.57 26.40
N PRO A 201 -23.53 -19.79 27.46
CA PRO A 201 -24.24 -18.54 27.70
C PRO A 201 -23.83 -17.45 26.69
N LEU A 202 -24.61 -16.38 26.61
CA LEU A 202 -24.32 -15.19 25.76
C LEU A 202 -23.04 -14.53 26.25
N GLY A 203 -22.92 -14.38 27.56
CA GLY A 203 -21.75 -13.75 28.20
C GLY A 203 -21.56 -14.21 29.63
N PHE A 204 -20.42 -14.83 29.91
CA PHE A 204 -19.87 -14.90 31.29
C PHE A 204 -19.70 -13.46 31.79
N ALA A 205 -20.66 -12.97 32.58
CA ALA A 205 -20.60 -11.69 33.35
C ALA A 205 -19.87 -11.95 34.66
N PRO A 206 -19.16 -10.95 35.25
N PRO A 206 -19.15 -10.95 35.23
CA PRO A 206 -18.43 -11.13 36.51
CA PRO A 206 -18.50 -11.11 36.55
C PRO A 206 -19.23 -10.95 37.80
C PRO A 206 -19.47 -11.25 37.73
N GLY A 207 -18.51 -10.93 38.94
N GLY A 207 -18.92 -11.61 38.90
CA GLY A 207 -19.04 -10.74 40.31
CA GLY A 207 -19.67 -11.81 40.16
C GLY A 207 -17.93 -10.50 41.31
C GLY A 207 -18.98 -11.16 41.34
N GLY A 208 -17.99 -9.38 42.03
N GLY A 208 -19.68 -10.23 42.01
CA GLY A 208 -17.04 -9.00 43.09
CA GLY A 208 -19.20 -9.47 43.19
C GLY A 208 -16.06 -7.93 42.63
C GLY A 208 -17.70 -9.61 43.39
N ASP A 209 -14.96 -7.75 43.36
N ASP A 209 -17.21 -10.84 43.56
CA ASP A 209 -13.86 -6.84 42.97
CA ASP A 209 -15.80 -11.15 43.91
C ASP A 209 -12.82 -7.64 42.18
C ASP A 209 -14.92 -11.13 42.66
N ARG A 210 -12.32 -7.05 41.10
N ARG A 210 -13.72 -10.57 42.80
CA ARG A 210 -11.33 -7.62 40.13
CA ARG A 210 -12.68 -10.45 41.75
C ARG A 210 -10.43 -8.66 40.80
C ARG A 210 -11.45 -11.23 42.21
N LYS A 211 -9.61 -8.22 41.76
N LYS A 211 -11.16 -11.19 43.53
CA LYS A 211 -8.45 -8.95 42.35
CA LYS A 211 -10.16 -12.05 44.23
C LYS A 211 -8.81 -10.42 42.58
C LYS A 211 -10.38 -13.51 43.81
N GLN A 212 -10.02 -10.85 42.20
N GLN A 212 -11.59 -13.82 43.33
CA GLN A 212 -10.41 -12.28 42.18
CA GLN A 212 -12.05 -15.20 43.01
C GLN A 212 -11.28 -12.56 40.94
C GLN A 212 -12.67 -15.23 41.61
N GLN A 213 -11.37 -11.61 40.01
N GLN A 213 -11.95 -14.71 40.61
CA GLN A 213 -11.93 -11.85 38.65
CA GLN A 213 -12.28 -14.89 39.17
C GLN A 213 -11.00 -12.84 37.93
C GLN A 213 -10.99 -14.86 38.34
N THR A 214 -9.77 -12.94 38.43
N THR A 214 -10.13 -13.85 38.53
CA THR A 214 -8.65 -13.66 37.77
CA THR A 214 -8.81 -13.77 37.87
C THR A 214 -7.67 -14.16 38.82
C THR A 214 -7.70 -14.20 38.85
N ARG A 215 -6.88 -15.19 38.48
CA ARG A 215 -5.70 -15.61 39.26
C ARG A 215 -4.44 -15.45 38.39
N VAL A 216 -3.49 -14.62 38.83
CA VAL A 216 -2.15 -14.48 38.20
C VAL A 216 -1.29 -15.66 38.65
N VAL A 217 -0.77 -16.44 37.71
CA VAL A 217 0.27 -17.46 37.96
C VAL A 217 1.61 -16.84 37.53
N ASP A 218 2.37 -16.30 38.50
CA ASP A 218 3.75 -15.78 38.29
C ASP A 218 4.70 -16.61 39.16
N ASP A 219 4.23 -17.82 39.52
CA ASP A 219 4.71 -18.64 40.66
C ASP A 219 4.82 -20.11 40.22
N ASP A 220 4.69 -20.42 38.92
CA ASP A 220 4.60 -21.83 38.44
C ASP A 220 6.00 -22.44 38.49
N VAL A 221 6.10 -23.72 38.88
CA VAL A 221 7.40 -24.41 39.18
C VAL A 221 8.37 -24.22 37.99
N VAL A 222 7.91 -24.42 36.74
CA VAL A 222 8.78 -24.52 35.52
C VAL A 222 8.92 -23.13 34.87
N GLY A 223 8.39 -22.08 35.50
CA GLY A 223 8.58 -20.70 35.04
C GLY A 223 7.42 -20.20 34.19
N ARG A 224 6.34 -20.97 34.04
CA ARG A 224 5.14 -20.53 33.27
C ARG A 224 4.60 -19.23 33.85
N LYS A 225 4.10 -18.36 32.98
CA LYS A 225 3.48 -17.07 33.36
C LYS A 225 2.13 -16.97 32.65
N GLY A 226 1.05 -16.95 33.43
CA GLY A 226 -0.31 -16.85 32.86
C GLY A 226 -1.32 -16.25 33.81
N VAL A 227 -2.55 -16.09 33.30
CA VAL A 227 -3.72 -15.51 33.99
C VAL A 227 -4.90 -16.46 33.76
N TYR A 228 -5.46 -16.99 34.83
CA TYR A 228 -6.75 -17.73 34.80
C TYR A 228 -7.85 -16.69 34.91
N ASP A 229 -8.90 -16.86 34.09
N ASP A 229 -8.94 -16.92 34.15
CA ASP A 229 -10.16 -16.08 34.25
CA ASP A 229 -10.26 -16.26 34.36
C ASP A 229 -11.11 -16.96 35.08
C ASP A 229 -11.25 -17.37 34.72
N LEU A 230 -11.54 -16.44 36.22
N LEU A 230 -11.50 -17.57 36.02
CA LEU A 230 -12.60 -17.04 37.08
CA LEU A 230 -12.30 -18.71 36.53
C LEU A 230 -13.59 -15.92 37.40
C LEU A 230 -13.77 -18.45 36.20
N ILE A 231 -14.03 -15.23 36.34
N ILE A 231 -14.16 -18.91 35.02
CA ILE A 231 -14.96 -14.07 36.36
CA ILE A 231 -15.41 -18.56 34.30
C ILE A 231 -16.20 -14.48 37.14
C ILE A 231 -16.55 -19.44 34.83
N GLY A 232 -16.73 -15.67 36.86
N GLY A 232 -16.26 -20.72 35.07
CA GLY A 232 -17.86 -16.27 37.57
CA GLY A 232 -17.25 -21.73 35.54
C GLY A 232 -17.42 -16.91 38.87
C GLY A 232 -17.53 -21.64 37.03
N GLU A 233 -17.52 -18.24 38.97
N GLU A 233 -16.55 -21.98 37.88
CA GLU A 233 -17.27 -19.03 40.21
CA GLU A 233 -16.72 -22.04 39.36
C GLU A 233 -17.82 -18.23 41.40
C GLU A 233 -17.38 -20.75 39.84
N HIS A 234 -17.72 -16.89 41.34
N HIS A 234 -16.59 -19.69 39.93
CA HIS A 234 -18.44 -15.94 42.21
CA HIS A 234 -17.06 -18.28 40.05
C HIS A 234 -19.45 -15.15 41.37
C HIS A 234 -17.44 -17.81 38.63
N GLY A 235 -19.12 -14.89 40.10
N GLY A 235 -17.62 -16.51 38.42
CA GLY A 235 -19.92 -14.12 39.14
CA GLY A 235 -18.11 -15.95 37.14
C GLY A 235 -21.09 -14.91 38.58
C GLY A 235 -19.57 -16.34 36.91
N VAL A 236 -21.34 -14.84 37.26
N VAL A 236 -20.41 -15.36 36.58
CA VAL A 236 -22.58 -15.39 36.62
CA VAL A 236 -21.90 -15.48 36.44
C VAL A 236 -22.42 -15.63 35.13
C VAL A 236 -22.22 -15.72 34.96
N PRO A 237 -23.12 -16.67 34.60
CA PRO A 237 -23.46 -16.81 33.18
C PRO A 237 -24.79 -16.13 32.85
N VAL A 238 -24.87 -15.48 31.69
CA VAL A 238 -26.10 -14.81 31.16
C VAL A 238 -26.63 -15.65 30.00
N PHE A 239 -27.82 -16.24 30.16
CA PHE A 239 -28.54 -17.02 29.12
C PHE A 239 -29.70 -16.20 28.56
N GLU A 240 -30.15 -15.16 29.27
CA GLU A 240 -31.30 -14.29 28.89
C GLU A 240 -30.79 -12.89 28.56
N GLY A 241 -30.64 -12.59 27.26
CA GLY A 241 -30.20 -11.27 26.77
C GLY A 241 -31.37 -10.30 26.64
N THR A 242 -31.35 -9.20 27.41
CA THR A 242 -32.50 -8.26 27.51
C THR A 242 -32.12 -6.85 27.04
N ILE A 243 -33.01 -6.22 26.27
CA ILE A 243 -32.95 -4.77 25.93
C ILE A 243 -34.19 -4.10 26.55
N GLY A 244 -34.00 -3.03 27.32
CA GLY A 244 -35.09 -2.35 28.05
C GLY A 244 -35.98 -3.33 28.81
N GLY A 245 -35.40 -4.38 29.39
CA GLY A 245 -36.08 -5.32 30.29
C GLY A 245 -36.58 -6.57 29.57
N GLU A 246 -36.70 -6.55 28.24
CA GLU A 246 -37.30 -7.68 27.47
C GLU A 246 -36.21 -8.63 26.96
N VAL A 247 -36.47 -9.92 27.02
CA VAL A 247 -35.61 -11.01 26.48
C VAL A 247 -35.64 -10.91 24.95
N VAL A 248 -34.57 -10.36 24.36
CA VAL A 248 -34.40 -10.22 22.89
C VAL A 248 -33.69 -11.48 22.36
N ARG A 249 -32.96 -12.20 23.21
CA ARG A 249 -32.07 -13.32 22.79
C ARG A 249 -31.77 -14.23 23.98
N GLU A 250 -31.63 -15.54 23.69
CA GLU A 250 -31.30 -16.61 24.66
C GLU A 250 -29.97 -17.27 24.30
N GLY A 251 -29.26 -17.81 25.30
CA GLY A 251 -28.02 -18.58 25.14
C GLY A 251 -28.32 -19.99 24.68
N ALA A 252 -27.39 -20.92 24.91
CA ALA A 252 -27.54 -22.34 24.51
C ALA A 252 -27.90 -23.17 25.73
N TYR A 253 -28.89 -24.06 25.55
CA TYR A 253 -29.46 -24.94 26.59
C TYR A 253 -29.06 -26.38 26.25
N GLY A 254 -27.77 -26.66 26.38
CA GLY A 254 -27.17 -28.00 26.24
C GLY A 254 -26.80 -28.59 27.60
N GLU A 255 -26.50 -29.89 27.64
CA GLU A 255 -26.14 -30.65 28.86
C GLU A 255 -24.71 -30.30 29.30
N LYS A 256 -23.79 -30.22 28.33
CA LYS A 256 -22.32 -30.35 28.52
C LYS A 256 -21.73 -29.05 29.03
N ILE A 257 -21.12 -29.07 30.23
CA ILE A 257 -20.44 -27.87 30.83
C ILE A 257 -19.00 -27.84 30.31
N VAL A 258 -18.66 -26.77 29.58
CA VAL A 258 -17.35 -26.52 28.91
C VAL A 258 -16.88 -25.10 29.26
N ALA A 259 -15.69 -24.71 28.81
CA ALA A 259 -15.07 -23.38 29.06
C ALA A 259 -15.09 -23.07 30.56
N ASN A 260 -15.13 -24.12 31.38
CA ASN A 260 -15.21 -24.05 32.86
C ASN A 260 -14.09 -23.17 33.39
N ASP A 261 -12.87 -23.32 32.84
CA ASP A 261 -11.69 -22.48 33.14
C ASP A 261 -10.94 -22.15 31.82
N ILE A 262 -10.58 -20.88 31.71
CA ILE A 262 -9.87 -20.23 30.58
C ILE A 262 -8.62 -19.56 31.15
N SER A 263 -7.47 -19.78 30.50
CA SER A 263 -6.18 -19.22 30.93
C SER A 263 -5.36 -18.85 29.69
N ILE A 264 -4.57 -17.78 29.81
CA ILE A 264 -3.67 -17.30 28.72
C ILE A 264 -2.26 -17.28 29.29
N TRP A 265 -1.30 -17.73 28.48
CA TRP A 265 0.09 -17.98 28.93
C TRP A 265 1.06 -17.25 28.00
N LEU A 266 2.11 -16.66 28.54
CA LEU A 266 3.24 -16.15 27.72
C LEU A 266 3.81 -17.37 27.00
N PRO A 267 4.22 -17.27 25.71
CA PRO A 267 4.24 -16.00 24.97
C PRO A 267 2.93 -15.53 24.29
N GLY A 268 1.90 -16.38 24.30
CA GLY A 268 0.55 -16.05 23.82
C GLY A 268 -0.20 -17.30 23.43
N VAL A 269 -0.56 -18.12 24.41
CA VAL A 269 -1.29 -19.39 24.14
C VAL A 269 -2.39 -19.50 25.18
N LEU A 270 -3.58 -19.88 24.72
CA LEU A 270 -4.85 -19.95 25.48
C LEU A 270 -5.14 -21.43 25.76
N LYS A 271 -5.51 -21.75 27.01
CA LYS A 271 -6.09 -23.06 27.42
C LYS A 271 -7.55 -22.86 27.80
N VAL A 272 -8.43 -23.60 27.11
CA VAL A 272 -9.87 -23.72 27.44
C VAL A 272 -10.13 -25.16 27.90
N ASN A 273 -10.52 -25.33 29.17
CA ASN A 273 -10.73 -26.65 29.80
C ASN A 273 -12.12 -26.71 30.41
N PRO A 274 -12.96 -27.72 30.07
CA PRO A 274 -12.76 -28.56 28.89
C PRO A 274 -13.43 -27.90 27.68
N PHE A 275 -12.95 -28.23 26.47
CA PHE A 275 -13.51 -27.73 25.19
C PHE A 275 -12.90 -28.52 24.04
N PRO A 276 -13.63 -28.82 22.94
CA PRO A 276 -15.06 -28.53 22.81
C PRO A 276 -16.02 -29.60 23.39
N ASN A 277 -15.46 -30.65 24.02
CA ASN A 277 -16.23 -31.70 24.72
C ASN A 277 -15.73 -31.80 26.16
N PRO A 278 -16.54 -32.31 27.12
CA PRO A 278 -16.12 -32.33 28.52
C PRO A 278 -14.86 -33.17 28.82
N ASP A 279 -14.38 -33.94 27.85
CA ASP A 279 -13.25 -34.87 28.01
C ASP A 279 -12.02 -34.38 27.23
N MET A 280 -11.98 -33.14 26.74
CA MET A 280 -10.80 -32.62 26.00
C MET A 280 -10.57 -31.14 26.33
N MET A 281 -9.41 -30.62 25.96
CA MET A 281 -8.99 -29.21 26.20
C MET A 281 -8.62 -28.61 24.85
N GLN A 282 -8.78 -27.30 24.69
CA GLN A 282 -8.27 -26.55 23.51
C GLN A 282 -7.04 -25.76 23.96
N PHE A 283 -5.91 -26.00 23.32
CA PHE A 283 -4.69 -25.16 23.42
C PHE A 283 -4.48 -24.47 22.08
N GLU A 284 -4.46 -23.13 22.05
CA GLU A 284 -4.28 -22.37 20.78
C GLU A 284 -3.32 -21.19 20.96
N TRP A 285 -2.41 -21.07 20.00
CA TRP A 285 -1.34 -20.04 19.97
C TRP A 285 -1.70 -18.97 18.94
N TYR A 286 -1.25 -17.75 19.20
CA TYR A 286 -1.38 -16.61 18.28
C TYR A 286 0.07 -16.17 18.07
N VAL A 287 0.74 -16.79 17.09
CA VAL A 287 2.20 -16.68 16.83
C VAL A 287 2.42 -15.50 15.88
N PRO A 288 3.19 -14.48 16.30
CA PRO A 288 3.42 -13.30 15.47
C PRO A 288 4.26 -13.68 14.25
N ILE A 289 3.76 -13.39 13.05
CA ILE A 289 4.52 -13.57 11.78
C ILE A 289 5.17 -12.23 11.49
N ASP A 290 4.35 -11.20 11.53
CA ASP A 290 4.75 -9.78 11.40
C ASP A 290 3.72 -8.95 12.17
N GLU A 291 3.82 -7.63 12.06
CA GLU A 291 2.96 -6.62 12.74
C GLU A 291 1.49 -6.87 12.37
N ASN A 292 1.23 -7.42 11.18
CA ASN A 292 -0.12 -7.48 10.55
C ASN A 292 -0.71 -8.89 10.60
N THR A 293 0.11 -9.90 10.91
CA THR A 293 -0.19 -11.32 10.61
C THR A 293 0.19 -12.22 11.79
N HIS A 294 -0.56 -13.30 12.01
CA HIS A 294 -0.20 -14.33 13.01
C HIS A 294 -0.55 -15.72 12.48
N TYR A 295 0.14 -16.73 12.96
CA TYR A 295 -0.31 -18.14 12.87
C TYR A 295 -1.37 -18.34 13.94
N TYR A 296 -2.53 -18.81 13.55
CA TYR A 296 -3.56 -19.33 14.48
C TYR A 296 -3.27 -20.82 14.57
N PHE A 297 -2.45 -21.21 15.55
CA PHE A 297 -1.99 -22.60 15.79
C PHE A 297 -2.92 -23.24 16.82
N GLN A 298 -3.95 -23.93 16.34
CA GLN A 298 -5.00 -24.53 17.19
C GLN A 298 -4.66 -25.99 17.50
N THR A 299 -4.89 -26.44 18.74
CA THR A 299 -4.75 -27.88 19.06
C THR A 299 -5.84 -28.29 20.03
N LEU A 300 -6.26 -29.54 19.92
CA LEU A 300 -7.19 -30.20 20.87
C LEU A 300 -6.41 -31.31 21.58
N GLY A 301 -6.45 -31.27 22.91
CA GLY A 301 -5.78 -32.21 23.81
C GLY A 301 -6.76 -33.20 24.40
N LYS A 302 -6.44 -34.50 24.37
CA LYS A 302 -7.26 -35.53 25.02
C LYS A 302 -6.38 -36.61 25.63
N PRO A 303 -6.51 -36.86 26.97
CA PRO A 303 -5.87 -38.01 27.59
C PRO A 303 -6.22 -39.32 26.87
N CYS A 304 -5.18 -40.09 26.52
CA CYS A 304 -5.29 -41.37 25.78
C CYS A 304 -4.36 -42.38 26.48
N ALA A 305 -4.90 -43.54 26.87
CA ALA A 305 -4.19 -44.60 27.62
C ALA A 305 -3.13 -45.23 26.72
N ASN A 306 -3.46 -45.40 25.44
CA ASN A 306 -2.72 -46.30 24.52
C ASN A 306 -3.13 -45.95 23.08
N ASP A 307 -2.50 -46.60 22.09
CA ASP A 307 -2.64 -46.22 20.65
C ASP A 307 -4.08 -46.51 20.19
N GLU A 308 -4.82 -47.40 20.86
CA GLU A 308 -6.24 -47.70 20.54
C GLU A 308 -7.10 -46.46 20.87
N GLU A 309 -6.98 -45.92 22.07
CA GLU A 309 -7.61 -44.63 22.46
C GLU A 309 -7.17 -43.50 21.51
N ARG A 310 -5.90 -43.55 21.06
CA ARG A 310 -5.24 -42.52 20.21
C ARG A 310 -5.90 -42.50 18.84
N LYS A 311 -5.95 -43.65 18.16
CA LYS A 311 -6.54 -43.83 16.82
C LYS A 311 -8.03 -43.44 16.87
N LYS A 312 -8.72 -43.70 17.99
CA LYS A 312 -10.17 -43.40 18.17
C LYS A 312 -10.38 -41.88 18.30
N TYR A 313 -9.62 -41.22 19.16
CA TYR A 313 -9.55 -39.74 19.25
C TYR A 313 -9.25 -39.13 17.87
N GLU A 314 -8.40 -39.78 17.09
CA GLU A 314 -7.92 -39.31 15.75
C GLU A 314 -9.09 -39.31 14.76
N GLN A 315 -9.88 -40.38 14.69
CA GLN A 315 -11.04 -40.45 13.75
C GLN A 315 -12.12 -39.48 14.23
N GLU A 316 -12.36 -39.39 15.54
CA GLU A 316 -13.30 -38.38 16.11
C GLU A 316 -12.85 -36.97 15.71
N PHE A 317 -11.56 -36.66 15.83
CA PHE A 317 -10.96 -35.34 15.49
C PHE A 317 -11.33 -34.98 14.04
N GLU A 318 -11.12 -35.93 13.13
CA GLU A 318 -11.18 -35.72 11.67
C GLU A 318 -12.63 -35.63 11.21
N SER A 319 -13.45 -36.60 11.64
CA SER A 319 -14.88 -36.70 11.26
C SER A 319 -15.62 -35.50 11.85
N LYS A 320 -15.31 -35.12 13.09
CA LYS A 320 -16.20 -34.33 13.98
C LYS A 320 -15.56 -33.01 14.48
N TRP A 321 -14.49 -33.08 15.30
CA TRP A 321 -14.02 -31.93 16.12
C TRP A 321 -13.29 -30.89 15.27
N LYS A 322 -12.61 -31.30 14.20
CA LYS A 322 -11.96 -30.34 13.27
C LYS A 322 -13.04 -29.51 12.57
N PRO A 323 -14.00 -30.13 11.83
CA PRO A 323 -15.00 -29.36 11.08
C PRO A 323 -15.93 -28.54 11.99
N MET A 324 -16.41 -29.13 13.08
CA MET A 324 -17.45 -28.48 13.91
C MET A 324 -16.83 -27.42 14.82
N ALA A 325 -15.71 -27.71 15.49
CA ALA A 325 -15.10 -26.87 16.55
C ALA A 325 -14.01 -25.96 15.97
N LEU A 326 -12.88 -26.52 15.50
CA LEU A 326 -11.71 -25.73 15.02
C LEU A 326 -12.07 -24.85 13.82
N GLU A 327 -13.04 -25.26 12.99
CA GLU A 327 -13.52 -24.44 11.83
C GLU A 327 -14.86 -23.80 12.21
N GLY A 328 -15.96 -24.56 12.13
CA GLY A 328 -17.33 -24.14 12.51
C GLY A 328 -17.37 -23.16 13.66
N PHE A 329 -16.70 -23.45 14.78
CA PHE A 329 -16.74 -22.58 16.00
C PHE A 329 -15.80 -21.38 15.82
N ASN A 330 -14.50 -21.62 15.58
CA ASN A 330 -13.44 -20.58 15.65
C ASN A 330 -13.34 -19.75 14.35
N ASN A 331 -13.98 -20.16 13.26
CA ASN A 331 -14.11 -19.35 12.01
C ASN A 331 -14.70 -17.97 12.38
N ASP A 332 -15.67 -17.95 13.29
CA ASP A 332 -16.23 -16.71 13.90
C ASP A 332 -15.11 -15.84 14.46
N ASP A 333 -14.18 -16.45 15.22
CA ASP A 333 -13.10 -15.75 15.98
C ASP A 333 -12.13 -15.08 14.98
N ILE A 334 -12.01 -15.64 13.76
CA ILE A 334 -11.11 -15.12 12.68
C ILE A 334 -11.58 -13.74 12.22
N TRP A 335 -12.79 -13.63 11.63
CA TRP A 335 -13.28 -12.33 11.08
C TRP A 335 -13.52 -11.32 12.22
N ALA A 336 -13.67 -11.77 13.48
CA ALA A 336 -13.72 -10.91 14.68
C ALA A 336 -12.39 -10.16 14.88
N ARG A 337 -11.26 -10.88 14.88
CA ARG A 337 -9.89 -10.29 14.99
C ARG A 337 -9.70 -9.30 13.84
N GLU A 338 -10.16 -9.66 12.65
CA GLU A 338 -10.01 -8.83 11.44
C GLU A 338 -10.74 -7.50 11.67
N ALA A 339 -11.82 -7.52 12.45
CA ALA A 339 -12.73 -6.37 12.65
C ALA A 339 -12.10 -5.36 13.61
N MET A 340 -11.10 -5.80 14.39
CA MET A 340 -10.35 -4.95 15.36
C MET A 340 -9.14 -4.30 14.68
N VAL A 341 -8.76 -4.74 13.47
CA VAL A 341 -7.50 -4.28 12.79
C VAL A 341 -7.49 -2.75 12.69
N ASP A 342 -8.55 -2.15 12.13
CA ASP A 342 -8.60 -0.69 11.85
C ASP A 342 -8.39 0.11 13.14
N PHE A 343 -9.04 -0.24 14.25
CA PHE A 343 -9.04 0.61 15.46
C PHE A 343 -7.64 0.62 16.10
N TYR A 344 -6.92 -0.49 15.95
CA TYR A 344 -5.60 -0.70 16.59
C TYR A 344 -4.46 -0.47 15.60
N ALA A 345 -4.73 -0.26 14.30
CA ALA A 345 -3.73 -0.21 13.18
C ALA A 345 -2.71 0.93 13.39
N ASP A 346 -3.12 2.03 14.00
CA ASP A 346 -2.27 3.23 14.19
C ASP A 346 -1.80 3.28 15.65
N ASP A 347 -1.83 2.13 16.32
CA ASP A 347 -1.59 1.94 17.78
C ASP A 347 -2.47 2.88 18.63
N LYS A 348 -3.56 3.42 18.07
CA LYS A 348 -4.42 4.43 18.74
C LYS A 348 -5.52 3.75 19.56
N GLY A 349 -5.96 2.56 19.13
CA GLY A 349 -6.98 1.75 19.81
C GLY A 349 -6.64 1.51 21.27
N TRP A 350 -5.36 1.37 21.60
CA TRP A 350 -4.85 1.12 22.97
C TRP A 350 -5.10 2.33 23.87
N VAL A 351 -5.18 3.53 23.29
CA VAL A 351 -5.47 4.79 24.01
C VAL A 351 -6.99 5.05 23.99
N ASN A 352 -7.70 4.69 22.91
CA ASN A 352 -9.10 5.14 22.67
C ASN A 352 -10.13 4.08 23.08
N GLU A 353 -9.72 2.82 23.29
CA GLU A 353 -10.65 1.72 23.69
C GLU A 353 -11.40 2.11 24.98
N ILE A 354 -12.65 1.66 25.15
CA ILE A 354 -13.39 1.80 26.43
C ILE A 354 -13.77 0.40 26.91
N LEU A 355 -13.06 -0.07 27.95
CA LEU A 355 -13.25 -1.40 28.55
C LEU A 355 -14.42 -1.37 29.54
N PHE A 356 -15.03 -2.53 29.77
CA PHE A 356 -16.00 -2.79 30.86
C PHE A 356 -15.46 -3.97 31.67
N GLU A 357 -16.28 -4.49 32.59
CA GLU A 357 -15.82 -5.33 33.72
C GLU A 357 -15.22 -6.63 33.18
N SER A 358 -15.86 -7.27 32.18
CA SER A 358 -15.46 -8.55 31.55
C SER A 358 -13.99 -8.54 31.09
N ASP A 359 -13.41 -7.35 30.85
CA ASP A 359 -12.05 -7.11 30.30
C ASP A 359 -11.00 -7.06 31.41
N GLU A 360 -11.40 -7.16 32.68
CA GLU A 360 -10.46 -7.17 33.84
C GLU A 360 -9.41 -8.26 33.64
N ALA A 361 -9.82 -9.45 33.20
CA ALA A 361 -8.90 -10.57 32.90
C ALA A 361 -7.95 -10.16 31.77
N ILE A 362 -8.44 -9.42 30.76
CA ILE A 362 -7.58 -8.99 29.62
C ILE A 362 -6.49 -8.06 30.15
N VAL A 363 -6.87 -7.11 31.02
CA VAL A 363 -5.95 -6.10 31.61
C VAL A 363 -4.87 -6.82 32.42
N ALA A 364 -5.24 -7.85 33.18
CA ALA A 364 -4.29 -8.67 33.98
C ALA A 364 -3.25 -9.29 33.04
N TRP A 365 -3.72 -9.91 31.95
CA TRP A 365 -2.87 -10.48 30.88
C TRP A 365 -1.89 -9.41 30.38
N ARG A 366 -2.38 -8.21 30.05
CA ARG A 366 -1.51 -7.12 29.50
C ARG A 366 -0.39 -6.83 30.49
N LYS A 367 -0.72 -6.83 31.79
CA LYS A 367 0.23 -6.52 32.88
C LYS A 367 1.22 -7.68 33.05
N LEU A 368 0.71 -8.90 33.18
CA LEU A 368 1.51 -10.14 33.28
C LEU A 368 2.50 -10.18 32.10
N ALA A 369 1.99 -10.00 30.87
CA ALA A 369 2.81 -10.05 29.64
C ALA A 369 3.87 -8.96 29.74
N SER A 370 3.45 -7.77 30.18
CA SER A 370 4.32 -6.59 30.27
C SER A 370 5.47 -6.86 31.27
N GLU A 371 5.22 -7.57 32.36
CA GLU A 371 6.23 -7.77 33.42
C GLU A 371 7.15 -8.97 33.11
N HIS A 372 6.64 -10.05 32.51
CA HIS A 372 7.29 -11.38 32.51
C HIS A 372 7.72 -11.85 31.12
N ASN A 373 7.63 -11.03 30.08
CA ASN A 373 8.14 -11.37 28.72
C ASN A 373 9.66 -11.35 28.74
N GLN A 374 10.30 -12.14 27.87
CA GLN A 374 11.76 -12.34 27.88
C GLN A 374 12.38 -11.43 26.83
N GLY A 375 11.63 -10.43 26.34
CA GLY A 375 12.19 -9.36 25.51
C GLY A 375 11.18 -8.87 24.47
N ILE A 376 11.38 -7.64 24.00
CA ILE A 376 10.54 -7.03 22.92
C ILE A 376 11.28 -7.25 21.60
N GLN A 377 10.68 -8.01 20.69
CA GLN A 377 11.20 -8.10 19.29
C GLN A 377 11.07 -6.71 18.67
N THR A 378 12.13 -6.21 18.05
CA THR A 378 12.14 -4.91 17.36
C THR A 378 12.62 -5.09 15.92
N GLN A 379 12.38 -4.07 15.10
CA GLN A 379 12.81 -4.02 13.69
C GLN A 379 14.34 -4.07 13.64
N ALA A 380 15.02 -3.69 14.73
CA ALA A 380 16.48 -3.87 14.92
C ALA A 380 16.83 -5.36 14.79
N HIS A 381 16.09 -6.22 15.48
CA HIS A 381 16.30 -7.69 15.44
C HIS A 381 16.03 -8.20 14.02
N VAL A 382 15.08 -7.62 13.28
CA VAL A 382 14.65 -8.11 11.92
C VAL A 382 15.71 -7.73 10.90
N SER A 383 16.13 -6.47 10.88
CA SER A 383 17.07 -5.89 9.89
C SER A 383 18.34 -5.41 10.61
N GLY A 384 18.35 -4.16 11.09
CA GLY A 384 19.52 -3.54 11.75
C GLY A 384 19.34 -2.04 11.92
N ALA B 2 20.05 13.54 0.60
CA ALA B 2 18.61 13.81 0.32
C ALA B 2 17.82 12.51 0.37
N ASN B 3 18.16 11.56 -0.50
CA ASN B 3 17.39 10.31 -0.75
C ASN B 3 17.52 9.37 0.46
N VAL B 4 18.68 9.34 1.12
CA VAL B 4 19.05 8.31 2.14
C VAL B 4 19.41 9.01 3.46
N ASP B 5 19.15 8.35 4.59
CA ASP B 5 19.50 8.86 5.95
C ASP B 5 21.02 8.86 6.12
N GLU B 6 21.51 9.82 6.89
CA GLU B 6 22.96 10.10 7.08
C GLU B 6 23.59 9.02 7.97
N ALA B 7 22.83 8.43 8.89
CA ALA B 7 23.27 7.28 9.72
C ALA B 7 23.84 6.20 8.80
N ILE B 8 23.21 5.99 7.63
CA ILE B 8 23.65 5.04 6.58
C ILE B 8 24.84 5.66 5.82
N LEU B 9 24.66 6.84 5.23
CA LEU B 9 25.67 7.44 4.31
C LEU B 9 27.03 7.55 5.03
N LYS B 10 27.05 7.96 6.30
CA LYS B 10 28.33 8.13 7.04
C LYS B 10 29.04 6.77 7.18
N ARG B 11 28.31 5.65 7.06
CA ARG B 11 28.85 4.28 7.23
C ARG B 11 29.26 3.66 5.89
N VAL B 12 29.20 4.41 4.78
CA VAL B 12 29.58 3.87 3.43
C VAL B 12 30.57 4.83 2.75
N LYS B 13 31.44 5.47 3.54
CA LYS B 13 32.43 6.46 3.05
C LYS B 13 33.29 5.79 1.96
N GLY B 14 33.46 6.48 0.82
CA GLY B 14 34.03 5.89 -0.41
C GLY B 14 32.96 5.61 -1.45
N TRP B 15 31.70 5.41 -1.06
CA TRP B 15 30.64 5.34 -2.09
C TRP B 15 29.27 5.80 -1.58
N ALA B 16 29.23 6.84 -0.74
CA ALA B 16 28.00 7.44 -0.19
C ALA B 16 27.17 8.06 -1.31
N PRO B 17 27.72 8.83 -2.29
CA PRO B 17 26.93 9.37 -3.41
C PRO B 17 26.16 8.29 -4.20
N TYR B 18 26.82 7.17 -4.46
CA TYR B 18 26.20 6.01 -5.16
C TYR B 18 25.06 5.43 -4.32
N VAL B 19 25.21 5.31 -3.01
CA VAL B 19 24.15 4.84 -2.06
C VAL B 19 23.02 5.86 -2.03
N ASP B 20 23.34 7.13 -2.29
CA ASP B 20 22.39 8.25 -2.33
C ASP B 20 21.65 8.23 -3.67
N ALA B 21 22.24 7.68 -4.73
CA ALA B 21 21.69 7.81 -6.11
C ALA B 21 20.61 6.74 -6.37
N LYS B 22 19.59 6.67 -5.50
CA LYS B 22 18.38 5.80 -5.64
C LYS B 22 17.75 5.96 -7.01
N LEU B 23 17.58 7.20 -7.45
CA LEU B 23 16.91 7.56 -8.73
C LEU B 23 17.94 7.66 -9.85
N GLY B 24 19.21 7.41 -9.55
CA GLY B 24 20.26 7.31 -10.58
C GLY B 24 20.91 8.66 -10.80
N PHE B 25 21.66 8.79 -11.89
CA PHE B 25 22.59 9.91 -12.09
C PHE B 25 22.01 10.86 -13.15
N ARG B 26 21.83 12.11 -12.76
CA ARG B 26 21.44 13.24 -13.64
C ARG B 26 22.63 13.58 -14.55
N ASN B 27 22.37 14.07 -15.76
CA ASN B 27 23.40 14.66 -16.66
C ASN B 27 24.19 13.53 -17.33
N HIS B 28 23.45 12.52 -17.77
CA HIS B 28 23.92 11.39 -18.60
C HIS B 28 22.80 11.07 -19.59
N TRP B 29 23.16 10.48 -20.74
CA TRP B 29 22.24 9.88 -21.72
C TRP B 29 21.79 8.49 -21.22
N TYR B 30 20.53 8.13 -21.52
CA TYR B 30 19.93 6.82 -21.18
C TYR B 30 19.07 6.33 -22.32
N PRO B 31 19.26 5.09 -22.80
CA PRO B 31 18.32 4.49 -23.75
C PRO B 31 17.01 4.16 -23.04
N VAL B 32 15.88 4.36 -23.72
CA VAL B 32 14.52 4.16 -23.17
C VAL B 32 13.65 3.34 -24.12
N MET B 33 13.96 3.34 -25.41
CA MET B 33 13.16 2.60 -26.41
C MET B 33 13.93 2.51 -27.72
N PHE B 34 13.43 1.68 -28.63
CA PHE B 34 14.00 1.52 -29.99
C PHE B 34 13.35 2.57 -30.90
N SER B 35 14.08 3.00 -31.93
CA SER B 35 13.66 4.05 -32.89
C SER B 35 12.32 3.68 -33.55
N LYS B 36 12.18 2.41 -33.93
CA LYS B 36 10.98 1.85 -34.61
C LYS B 36 9.74 1.98 -33.71
N GLU B 37 9.89 2.25 -32.41
CA GLU B 37 8.76 2.24 -31.45
C GLU B 37 8.09 3.62 -31.43
N ILE B 38 8.75 4.67 -31.94
CA ILE B 38 8.18 6.05 -31.97
C ILE B 38 8.10 6.54 -33.42
N ASN B 39 6.87 6.61 -33.96
CA ASN B 39 6.56 6.99 -35.37
C ASN B 39 6.22 8.47 -35.46
N GLU B 40 6.23 8.99 -36.69
CA GLU B 40 5.98 10.42 -36.99
C GLU B 40 4.66 10.84 -36.35
N GLY B 41 4.71 11.90 -35.54
CA GLY B 41 3.52 12.52 -34.92
C GLY B 41 2.75 11.57 -34.01
N GLU B 42 3.40 10.54 -33.45
CA GLU B 42 2.74 9.59 -32.51
C GLU B 42 3.50 9.60 -31.19
N PRO B 43 3.20 10.57 -30.29
CA PRO B 43 3.98 10.80 -29.07
C PRO B 43 3.82 9.63 -28.09
N LYS B 44 4.89 9.30 -27.36
CA LYS B 44 4.81 8.24 -26.33
C LYS B 44 5.28 8.80 -24.99
N THR B 45 4.69 8.29 -23.90
CA THR B 45 5.08 8.65 -22.51
C THR B 45 5.99 7.56 -21.96
N LEU B 46 6.79 7.92 -20.96
CA LEU B 46 7.70 7.00 -20.25
C LEU B 46 8.20 7.73 -19.01
N LYS B 47 8.65 7.00 -17.99
CA LYS B 47 9.25 7.65 -16.81
C LYS B 47 10.74 7.35 -16.82
N LEU B 48 11.56 8.36 -16.61
CA LEU B 48 13.03 8.25 -16.60
C LEU B 48 13.59 9.06 -15.40
N LEU B 49 14.33 8.39 -14.52
CA LEU B 49 14.94 9.01 -13.32
C LEU B 49 13.85 9.67 -12.47
N GLY B 50 12.67 9.06 -12.46
CA GLY B 50 11.51 9.49 -11.67
C GLY B 50 10.60 10.43 -12.42
N GLU B 51 11.02 10.97 -13.57
CA GLU B 51 10.32 12.05 -14.29
C GLU B 51 9.49 11.47 -15.43
N ASN B 52 8.21 11.87 -15.55
CA ASN B 52 7.34 11.51 -16.70
C ASN B 52 7.74 12.39 -17.88
N LEU B 53 7.98 11.75 -19.02
CA LEU B 53 8.45 12.44 -20.23
C LEU B 53 7.58 12.04 -21.40
N LEU B 54 7.52 12.93 -22.37
CA LEU B 54 6.74 12.77 -23.62
C LEU B 54 7.74 12.92 -24.75
N VAL B 55 7.81 11.93 -25.63
CA VAL B 55 8.74 11.93 -26.77
C VAL B 55 7.84 11.95 -27.99
N ASN B 56 8.16 12.79 -28.96
CA ASN B 56 7.42 12.85 -30.25
C ASN B 56 8.44 12.90 -31.38
N ARG B 57 8.05 12.39 -32.56
CA ARG B 57 8.82 12.50 -33.82
C ARG B 57 8.12 13.55 -34.70
N ILE B 58 8.86 14.62 -35.03
CA ILE B 58 8.45 15.75 -35.91
C ILE B 58 9.52 15.91 -37.00
N ASP B 59 9.13 15.69 -38.26
CA ASP B 59 9.99 15.75 -39.47
C ASP B 59 11.23 14.86 -39.26
N GLY B 60 10.99 13.65 -38.74
CA GLY B 60 12.02 12.63 -38.45
C GLY B 60 12.78 12.88 -37.16
N LYS B 61 12.79 14.10 -36.63
CA LYS B 61 13.60 14.39 -35.44
C LYS B 61 12.75 14.09 -34.19
N LEU B 62 13.39 13.53 -33.16
CA LEU B 62 12.75 13.32 -31.84
C LEU B 62 12.89 14.60 -31.02
N TYR B 63 11.87 14.89 -30.21
CA TYR B 63 11.88 15.94 -29.17
C TYR B 63 11.27 15.35 -27.90
N CYS B 64 11.70 15.86 -26.75
CA CYS B 64 11.23 15.37 -25.44
C CYS B 64 10.85 16.57 -24.57
N LEU B 65 9.59 16.59 -24.14
CA LEU B 65 9.00 17.53 -23.15
C LEU B 65 8.71 16.77 -21.87
N LYS B 66 8.84 17.43 -20.72
CA LYS B 66 8.36 16.88 -19.43
C LYS B 66 6.85 16.65 -19.54
N ASP B 67 6.37 15.47 -19.15
CA ASP B 67 4.92 15.14 -19.28
C ASP B 67 4.23 15.62 -18.00
N ARG B 68 4.11 16.95 -17.87
CA ARG B 68 3.50 17.62 -16.69
C ARG B 68 3.28 19.10 -17.01
N CYS B 69 2.04 19.49 -17.27
CA CYS B 69 1.62 20.90 -17.54
C CYS B 69 2.12 21.84 -16.43
N LEU B 70 2.56 23.05 -16.77
CA LEU B 70 2.99 24.06 -15.75
C LEU B 70 1.81 24.52 -14.89
N HIS B 71 0.57 24.32 -15.36
CA HIS B 71 -0.64 24.98 -14.81
C HIS B 71 -1.13 24.22 -13.57
N ARG B 72 -1.77 23.05 -13.74
CA ARG B 72 -2.25 22.18 -12.63
C ARG B 72 -1.52 20.84 -12.64
N GLY B 73 -0.40 20.70 -13.38
CA GLY B 73 0.55 19.59 -13.26
C GLY B 73 -0.06 18.24 -13.66
N VAL B 74 -1.00 18.25 -14.59
CA VAL B 74 -1.53 17.02 -15.23
C VAL B 74 -0.50 16.52 -16.23
N GLN B 75 -0.47 15.20 -16.50
CA GLN B 75 0.23 14.65 -17.69
C GLN B 75 -0.59 15.05 -18.92
N LEU B 76 0.06 15.69 -19.91
CA LEU B 76 -0.50 16.00 -21.25
C LEU B 76 -0.93 14.69 -21.93
N SER B 77 -0.19 13.60 -21.69
CA SER B 77 -0.40 12.32 -22.41
C SER B 77 -1.72 11.64 -22.00
N VAL B 78 -2.36 12.08 -20.92
CA VAL B 78 -3.72 11.57 -20.55
C VAL B 78 -4.60 11.71 -21.79
N LYS B 79 -4.43 12.80 -22.54
CA LYS B 79 -5.17 13.08 -23.80
C LYS B 79 -4.31 14.02 -24.64
N VAL B 80 -3.57 13.43 -25.58
CA VAL B 80 -2.58 14.14 -26.44
C VAL B 80 -3.33 15.01 -27.46
N GLU B 81 -3.00 16.30 -27.52
CA GLU B 81 -3.53 17.25 -28.55
C GLU B 81 -2.34 17.99 -29.16
N CYS B 82 -1.88 17.49 -30.30
CA CYS B 82 -0.86 18.14 -31.14
C CYS B 82 -1.61 18.86 -32.26
N LYS B 83 -1.88 20.16 -32.12
CA LYS B 83 -2.80 20.90 -33.02
C LYS B 83 -2.06 21.32 -34.30
N THR B 84 -0.78 21.65 -34.14
CA THR B 84 0.22 21.97 -35.19
C THR B 84 1.44 21.07 -34.98
N LYS B 85 2.37 21.10 -35.94
CA LYS B 85 3.53 20.17 -36.00
C LYS B 85 4.49 20.52 -34.87
N SER B 86 4.65 21.81 -34.55
CA SER B 86 5.68 22.29 -33.61
C SER B 86 5.12 22.43 -32.20
N THR B 87 3.85 22.12 -31.95
CA THR B 87 3.27 22.37 -30.60
C THR B 87 2.52 21.16 -30.06
N ILE B 88 2.34 21.15 -28.75
CA ILE B 88 1.38 20.27 -28.03
C ILE B 88 0.55 21.18 -27.12
N THR B 89 -0.75 20.91 -27.10
CA THR B 89 -1.76 21.65 -26.35
C THR B 89 -2.24 20.75 -25.21
N CYS B 90 -2.05 21.20 -23.98
CA CYS B 90 -2.64 20.55 -22.79
C CYS B 90 -4.15 20.41 -23.01
N TRP B 91 -4.70 19.23 -22.75
CA TRP B 91 -6.11 18.87 -22.97
C TRP B 91 -7.04 19.61 -22.00
N TYR B 92 -6.53 20.22 -20.94
CA TYR B 92 -7.33 20.73 -19.81
C TYR B 92 -7.72 22.19 -20.06
N HIS B 93 -6.75 23.11 -20.03
CA HIS B 93 -6.96 24.58 -20.25
C HIS B 93 -6.15 25.06 -21.45
N ALA B 94 -5.63 24.14 -22.27
CA ALA B 94 -5.12 24.42 -23.63
C ALA B 94 -3.88 25.31 -23.58
N TRP B 95 -3.10 25.27 -22.50
CA TRP B 95 -1.72 25.83 -22.52
C TRP B 95 -0.95 25.08 -23.59
N THR B 96 -0.35 25.81 -24.51
CA THR B 96 0.24 25.26 -25.75
C THR B 96 1.75 25.50 -25.68
N TYR B 97 2.54 24.42 -25.79
CA TYR B 97 4.02 24.45 -25.68
C TYR B 97 4.64 24.07 -27.02
N ARG B 98 5.74 24.73 -27.38
CA ARG B 98 6.59 24.34 -28.53
C ARG B 98 7.45 23.16 -28.10
N TRP B 99 7.53 22.13 -28.94
CA TRP B 99 8.42 20.97 -28.72
C TRP B 99 9.90 21.40 -28.65
N GLU B 100 10.35 22.33 -29.50
CA GLU B 100 11.78 22.66 -29.67
C GLU B 100 12.36 23.26 -28.38
N ASP B 101 11.63 24.10 -27.64
CA ASP B 101 12.21 24.82 -26.46
C ASP B 101 11.26 24.86 -25.27
N GLY B 102 10.12 24.17 -25.33
CA GLY B 102 9.15 24.10 -24.23
C GLY B 102 8.44 25.42 -23.94
N VAL B 103 8.64 26.46 -24.75
CA VAL B 103 8.08 27.82 -24.46
C VAL B 103 6.55 27.72 -24.50
N LEU B 104 5.88 28.27 -23.48
CA LEU B 104 4.41 28.54 -23.52
C LEU B 104 4.14 29.62 -24.58
N CYS B 105 3.81 29.21 -25.80
CA CYS B 105 3.67 30.10 -26.98
C CYS B 105 2.21 30.55 -27.14
N ASP B 106 1.26 29.91 -26.48
CA ASP B 106 -0.19 30.16 -26.68
C ASP B 106 -1.01 29.53 -25.56
N ILE B 107 -2.23 30.06 -25.34
CA ILE B 107 -3.29 29.44 -24.51
C ILE B 107 -4.64 29.69 -25.19
N LEU B 108 -5.26 28.64 -25.73
CA LEU B 108 -6.51 28.68 -26.54
C LEU B 108 -7.66 29.23 -25.69
N THR B 109 -7.64 29.01 -24.37
CA THR B 109 -8.72 29.43 -23.43
C THR B 109 -8.57 30.90 -23.04
N ASN B 110 -7.44 31.54 -23.40
CA ASN B 110 -7.18 32.97 -23.10
C ASN B 110 -5.93 33.44 -23.86
N PRO B 111 -6.10 33.91 -25.12
CA PRO B 111 -4.96 34.30 -25.97
C PRO B 111 -4.29 35.61 -25.55
N THR B 112 -4.77 36.26 -24.50
CA THR B 112 -4.20 37.53 -23.95
C THR B 112 -3.50 37.28 -22.61
N SER B 113 -3.48 36.04 -22.11
CA SER B 113 -2.81 35.68 -20.84
C SER B 113 -1.42 36.31 -20.81
N ALA B 114 -1.01 36.88 -19.67
CA ALA B 114 0.35 37.40 -19.40
C ALA B 114 1.38 36.26 -19.32
N GLN B 115 0.92 35.01 -19.22
CA GLN B 115 1.78 33.82 -19.09
C GLN B 115 2.44 33.51 -20.43
N ILE B 116 1.75 33.80 -21.54
CA ILE B 116 2.24 33.45 -22.90
C ILE B 116 3.63 34.11 -23.09
N GLY B 117 4.58 33.35 -23.62
CA GLY B 117 5.97 33.80 -23.83
C GLY B 117 6.77 34.00 -22.55
N ARG B 118 6.20 33.76 -21.37
CA ARG B 118 6.85 34.01 -20.05
C ARG B 118 7.02 32.71 -19.25
N GLN B 119 6.79 31.55 -19.85
CA GLN B 119 6.97 30.24 -19.15
C GLN B 119 7.58 29.23 -20.11
N LYS B 120 8.39 28.33 -19.56
CA LYS B 120 9.09 27.23 -20.29
C LYS B 120 8.74 25.88 -19.63
N LEU B 121 8.23 24.94 -20.42
CA LEU B 121 8.12 23.51 -20.02
C LEU B 121 9.51 22.88 -20.22
N LYS B 122 10.06 22.25 -19.19
CA LYS B 122 11.39 21.57 -19.26
C LYS B 122 11.48 20.72 -20.54
N THR B 123 12.55 20.87 -21.32
CA THR B 123 12.92 19.96 -22.43
C THR B 123 14.18 19.17 -22.04
N TYR B 124 14.39 18.05 -22.71
CA TYR B 124 15.62 17.22 -22.63
C TYR B 124 16.01 16.85 -24.05
N PRO B 125 17.31 16.94 -24.39
CA PRO B 125 17.80 16.42 -25.66
C PRO B 125 17.44 14.93 -25.84
N VAL B 126 17.29 14.53 -27.09
CA VAL B 126 16.96 13.15 -27.53
C VAL B 126 17.83 12.86 -28.74
N GLN B 127 18.39 11.65 -28.82
CA GLN B 127 19.28 11.27 -29.95
C GLN B 127 19.09 9.78 -30.24
N GLU B 128 19.08 9.42 -31.53
CA GLU B 128 18.95 8.01 -31.98
C GLU B 128 20.31 7.51 -32.46
N ALA B 129 20.75 6.36 -31.99
CA ALA B 129 21.96 5.67 -32.47
C ALA B 129 21.69 4.17 -32.42
N LYS B 130 22.06 3.48 -33.50
CA LYS B 130 21.94 2.01 -33.67
C LYS B 130 20.52 1.56 -33.33
N GLY B 131 19.49 2.29 -33.80
CA GLY B 131 18.06 1.92 -33.67
C GLY B 131 17.55 2.05 -32.25
N CYS B 132 18.26 2.81 -31.41
CA CYS B 132 18.02 3.00 -29.96
C CYS B 132 17.82 4.49 -29.68
N VAL B 133 16.89 4.82 -28.78
CA VAL B 133 16.54 6.22 -28.43
C VAL B 133 17.17 6.56 -27.08
N PHE B 134 18.03 7.58 -27.06
CA PHE B 134 18.75 8.11 -25.87
C PHE B 134 18.22 9.50 -25.54
N ILE B 135 17.85 9.68 -24.28
CA ILE B 135 17.40 10.97 -23.71
C ILE B 135 18.52 11.41 -22.77
N TYR B 136 19.02 12.63 -22.94
CA TYR B 136 19.90 13.29 -21.98
C TYR B 136 19.06 13.83 -20.82
N LEU B 137 18.87 13.00 -19.79
CA LEU B 137 18.13 13.44 -18.58
C LEU B 137 19.07 14.33 -17.75
N GLY B 138 19.18 15.58 -18.15
CA GLY B 138 19.96 16.59 -17.40
C GLY B 138 19.79 17.99 -17.94
N ASP B 139 20.59 18.89 -17.39
CA ASP B 139 20.46 20.36 -17.55
C ASP B 139 21.55 20.86 -18.50
N GLY B 140 21.33 22.05 -19.06
CA GLY B 140 22.28 22.67 -20.01
C GLY B 140 22.42 21.82 -21.25
N ASP B 141 23.58 21.90 -21.91
CA ASP B 141 23.79 21.29 -23.24
C ASP B 141 24.49 19.94 -23.03
N PRO B 142 24.21 18.94 -23.88
CA PRO B 142 24.71 17.61 -23.66
C PRO B 142 26.14 17.38 -24.15
N PRO B 143 26.92 16.51 -23.47
CA PRO B 143 28.15 15.97 -24.05
C PRO B 143 27.78 15.09 -25.24
N PRO B 144 28.73 14.61 -26.06
CA PRO B 144 28.37 13.64 -27.10
C PRO B 144 27.90 12.34 -26.41
N LEU B 145 27.13 11.55 -27.15
CA LEU B 145 26.53 10.28 -26.67
C LEU B 145 27.65 9.29 -26.32
N ALA B 146 28.76 9.34 -27.06
CA ALA B 146 29.92 8.43 -26.88
C ALA B 146 30.36 8.40 -25.41
N ARG B 147 30.26 9.52 -24.69
CA ARG B 147 30.71 9.59 -23.27
C ARG B 147 29.94 8.56 -22.45
N ASP B 148 28.66 8.34 -22.76
CA ASP B 148 27.75 7.52 -21.91
C ASP B 148 27.41 6.18 -22.58
N THR B 149 28.23 5.71 -23.51
CA THR B 149 28.08 4.40 -24.21
C THR B 149 29.36 3.61 -24.00
N PRO B 150 29.29 2.27 -23.96
CA PRO B 150 30.52 1.50 -23.86
C PRO B 150 31.29 1.55 -25.18
N PRO B 151 32.61 1.25 -25.13
CA PRO B 151 33.42 1.12 -26.34
C PRO B 151 32.83 0.10 -27.31
N ASN B 152 32.83 0.49 -28.59
CA ASN B 152 32.51 -0.35 -29.78
C ASN B 152 31.01 -0.32 -30.09
N PHE B 153 30.17 0.05 -29.12
CA PHE B 153 28.70 0.17 -29.30
C PHE B 153 28.41 0.97 -30.58
N LEU B 154 29.07 2.12 -30.76
CA LEU B 154 28.77 3.08 -31.85
C LEU B 154 29.62 2.77 -33.10
N ASP B 155 30.39 1.69 -33.13
CA ASP B 155 31.24 1.37 -34.31
C ASP B 155 30.38 1.24 -35.57
N ASP B 156 30.90 1.78 -36.68
CA ASP B 156 30.28 1.76 -38.02
C ASP B 156 29.63 0.40 -38.30
N ASP B 157 30.38 -0.69 -38.21
CA ASP B 157 29.91 -2.02 -38.71
C ASP B 157 29.09 -2.75 -37.64
N MET B 158 29.08 -2.24 -36.39
CA MET B 158 28.42 -2.93 -35.25
C MET B 158 26.90 -2.91 -35.46
N GLU B 159 26.33 -4.04 -35.85
CA GLU B 159 24.85 -4.20 -35.96
C GLU B 159 24.28 -4.48 -34.56
N ILE B 160 23.37 -3.62 -34.10
CA ILE B 160 22.71 -3.71 -32.76
C ILE B 160 21.29 -4.23 -32.90
N LEU B 161 21.01 -5.36 -32.27
CA LEU B 161 19.65 -5.92 -32.08
C LEU B 161 19.41 -6.09 -30.58
N GLY B 162 18.20 -5.81 -30.12
CA GLY B 162 17.96 -5.69 -28.67
C GLY B 162 16.56 -6.03 -28.26
N LYS B 163 16.32 -5.82 -26.98
CA LYS B 163 15.06 -6.15 -26.29
C LYS B 163 15.02 -5.30 -25.02
N ASN B 164 13.84 -4.83 -24.67
CA ASN B 164 13.64 -3.89 -23.55
C ASN B 164 12.46 -4.41 -22.75
N GLN B 165 12.54 -4.33 -21.42
CA GLN B 165 11.43 -4.69 -20.52
C GLN B 165 11.67 -3.97 -19.20
N ILE B 166 10.59 -3.74 -18.46
CA ILE B 166 10.60 -3.08 -17.13
C ILE B 166 10.80 -4.15 -16.06
N ILE B 167 11.79 -3.99 -15.20
CA ILE B 167 12.08 -4.97 -14.11
C ILE B 167 11.91 -4.26 -12.77
N LYS B 168 11.21 -4.90 -11.84
CA LYS B 168 10.94 -4.40 -10.47
C LYS B 168 12.15 -4.69 -9.58
N SER B 169 13.27 -4.01 -9.83
CA SER B 169 14.32 -3.78 -8.80
C SER B 169 14.93 -2.40 -9.05
N ASN B 170 15.50 -1.82 -8.01
CA ASN B 170 16.38 -0.65 -8.15
C ASN B 170 17.48 -0.96 -9.19
N TRP B 171 17.83 0.04 -9.99
CA TRP B 171 18.84 -0.05 -11.07
C TRP B 171 20.19 -0.56 -10.55
N ARG B 172 20.57 -0.21 -9.32
CA ARG B 172 21.93 -0.53 -8.79
C ARG B 172 22.05 -2.04 -8.54
N LEU B 173 20.95 -2.74 -8.26
CA LEU B 173 21.03 -4.21 -7.96
C LEU B 173 21.27 -4.94 -9.28
N ALA B 174 20.72 -4.39 -10.38
CA ALA B 174 20.91 -4.90 -11.77
C ALA B 174 22.37 -4.77 -12.18
N VAL B 175 22.93 -3.59 -11.96
CA VAL B 175 24.33 -3.27 -12.35
C VAL B 175 25.26 -4.23 -11.63
N GLU B 176 25.09 -4.34 -10.32
CA GLU B 176 26.04 -5.08 -9.45
C GLU B 176 25.96 -6.55 -9.85
N ASN B 177 24.74 -7.07 -10.05
CA ASN B 177 24.56 -8.46 -10.54
C ASN B 177 25.33 -8.65 -11.85
N GLY B 178 25.18 -7.71 -12.77
CA GLY B 178 25.84 -7.74 -14.09
C GLY B 178 27.35 -7.88 -13.98
N PHE B 179 27.96 -7.11 -13.09
CA PHE B 179 29.42 -6.91 -13.00
C PHE B 179 30.03 -7.80 -11.91
N ASP B 180 29.19 -8.62 -11.27
CA ASP B 180 29.56 -9.55 -10.17
C ASP B 180 30.29 -10.77 -10.73
N PRO B 181 31.64 -10.86 -10.58
CA PRO B 181 32.41 -11.97 -11.13
C PRO B 181 31.99 -13.38 -10.65
N SER B 182 31.52 -13.48 -9.41
CA SER B 182 31.14 -14.80 -8.83
C SER B 182 29.64 -15.10 -9.04
N HIS B 183 28.86 -14.17 -9.60
CA HIS B 183 27.41 -14.43 -9.85
C HIS B 183 27.26 -15.50 -10.94
N ILE B 184 28.28 -15.75 -11.76
CA ILE B 184 28.17 -16.79 -12.84
C ILE B 184 27.69 -18.12 -12.25
N TYR B 185 27.83 -18.34 -10.95
CA TYR B 185 27.29 -19.56 -10.29
C TYR B 185 25.81 -19.80 -10.68
N ILE B 186 25.02 -18.73 -10.92
CA ILE B 186 23.54 -18.81 -11.13
C ILE B 186 23.25 -19.31 -12.55
N HIS B 187 24.26 -19.29 -13.43
CA HIS B 187 24.18 -19.66 -14.87
C HIS B 187 24.69 -21.07 -15.12
N LYS B 188 25.05 -21.80 -14.07
CA LYS B 188 25.67 -23.14 -14.23
C LYS B 188 24.75 -24.15 -14.95
N ASP B 189 23.43 -24.01 -14.85
CA ASP B 189 22.45 -24.98 -15.41
C ASP B 189 21.87 -24.45 -16.73
N SER B 190 22.44 -23.40 -17.31
CA SER B 190 21.79 -22.62 -18.39
C SER B 190 21.89 -23.36 -19.74
N ILE B 191 20.78 -23.48 -20.46
CA ILE B 191 20.70 -24.12 -21.81
C ILE B 191 21.80 -23.56 -22.73
N LEU B 192 22.02 -22.24 -22.73
CA LEU B 192 23.03 -21.55 -23.58
C LEU B 192 24.41 -22.16 -23.30
N VAL B 193 24.71 -22.50 -22.05
CA VAL B 193 26.07 -22.94 -21.65
C VAL B 193 26.28 -24.36 -22.17
N LYS B 194 25.25 -25.20 -22.08
CA LYS B 194 25.29 -26.62 -22.50
C LYS B 194 25.29 -26.67 -24.02
N ASP B 195 24.31 -26.01 -24.66
CA ASP B 195 24.01 -26.16 -26.12
C ASP B 195 25.00 -25.38 -26.97
N ASN B 196 25.59 -24.30 -26.45
CA ASN B 196 26.61 -23.51 -27.18
C ASN B 196 28.01 -23.85 -26.68
N ASP B 197 28.12 -24.87 -25.81
CA ASP B 197 29.38 -25.38 -25.21
C ASP B 197 30.28 -24.21 -24.76
N LEU B 198 29.76 -23.29 -23.95
CA LEU B 198 30.53 -22.20 -23.33
C LEU B 198 31.36 -22.78 -22.18
N ALA B 199 32.62 -22.39 -22.10
CA ALA B 199 33.46 -22.60 -20.92
C ALA B 199 32.92 -21.70 -19.81
N LEU B 200 32.32 -22.27 -18.75
CA LEU B 200 31.79 -21.48 -17.61
C LEU B 200 32.21 -22.11 -16.29
N PRO B 201 33.19 -21.51 -15.58
CA PRO B 201 33.50 -21.94 -14.23
C PRO B 201 32.35 -21.56 -13.29
N LEU B 202 32.36 -22.18 -12.12
CA LEU B 202 31.53 -21.83 -10.94
C LEU B 202 31.94 -20.44 -10.42
N GLY B 203 33.23 -20.10 -10.54
CA GLY B 203 33.80 -18.79 -10.19
C GLY B 203 35.30 -18.82 -10.24
N PHE B 204 35.95 -17.92 -9.50
CA PHE B 204 37.42 -17.71 -9.55
C PHE B 204 37.99 -17.57 -8.13
N ALA B 205 39.03 -18.35 -7.80
CA ALA B 205 39.99 -18.04 -6.72
C ALA B 205 40.87 -16.90 -7.21
N PRO B 206 40.76 -15.68 -6.62
CA PRO B 206 41.49 -14.51 -7.11
C PRO B 206 43.01 -14.71 -7.06
N GLY B 207 43.71 -14.09 -8.02
CA GLY B 207 45.18 -14.16 -8.15
C GLY B 207 45.86 -12.95 -7.51
N GLY B 208 46.31 -13.12 -6.26
CA GLY B 208 47.17 -12.14 -5.55
C GLY B 208 46.43 -10.85 -5.22
N ASP B 209 46.93 -9.72 -5.74
CA ASP B 209 46.77 -8.36 -5.15
C ASP B 209 45.43 -7.76 -5.59
N ARG B 210 44.69 -7.19 -4.62
CA ARG B 210 43.29 -6.71 -4.77
C ARG B 210 43.22 -5.53 -5.76
N LYS B 211 44.33 -4.81 -5.94
CA LYS B 211 44.44 -3.56 -6.74
C LYS B 211 44.66 -3.90 -8.22
N GLN B 212 44.89 -5.18 -8.55
CA GLN B 212 45.01 -5.68 -9.95
C GLN B 212 43.81 -6.59 -10.30
N GLN B 213 42.77 -6.65 -9.46
CA GLN B 213 41.50 -7.37 -9.75
C GLN B 213 40.67 -6.58 -10.76
N THR B 214 40.92 -5.27 -10.88
CA THR B 214 40.17 -4.36 -11.78
C THR B 214 41.12 -3.38 -12.47
N ARG B 215 40.76 -2.91 -13.66
CA ARG B 215 41.35 -1.74 -14.34
C ARG B 215 40.27 -0.65 -14.43
N VAL B 216 40.52 0.52 -13.85
CA VAL B 216 39.64 1.71 -13.94
C VAL B 216 40.06 2.50 -15.18
N VAL B 217 39.10 2.98 -15.97
CA VAL B 217 39.30 3.79 -17.20
C VAL B 217 38.61 5.14 -16.99
N ASP B 218 39.41 6.21 -16.84
CA ASP B 218 38.93 7.61 -16.75
C ASP B 218 39.75 8.48 -17.71
N ASP B 219 40.58 7.83 -18.53
CA ASP B 219 41.52 8.47 -19.49
C ASP B 219 41.19 7.92 -20.87
N ASP B 220 39.95 8.15 -21.33
CA ASP B 220 39.48 7.69 -22.67
C ASP B 220 39.21 8.92 -23.54
N VAL B 221 39.23 8.76 -24.86
CA VAL B 221 39.17 9.86 -25.87
C VAL B 221 37.85 10.64 -25.77
N VAL B 222 36.75 10.01 -25.36
CA VAL B 222 35.39 10.62 -25.40
C VAL B 222 34.86 10.81 -23.97
N GLY B 223 35.71 10.65 -22.95
CA GLY B 223 35.37 10.89 -21.54
C GLY B 223 34.60 9.74 -20.89
N ARG B 224 34.52 8.57 -21.52
CA ARG B 224 33.92 7.35 -20.92
C ARG B 224 34.55 7.09 -19.55
N LYS B 225 33.75 6.57 -18.64
CA LYS B 225 34.15 6.23 -17.25
C LYS B 225 33.68 4.80 -16.98
N GLY B 226 34.61 3.87 -16.72
CA GLY B 226 34.26 2.46 -16.57
C GLY B 226 35.25 1.70 -15.70
N VAL B 227 34.90 0.45 -15.41
CA VAL B 227 35.80 -0.53 -14.76
C VAL B 227 35.78 -1.82 -15.57
N TYR B 228 36.95 -2.42 -15.72
CA TYR B 228 37.13 -3.80 -16.24
C TYR B 228 37.31 -4.77 -15.06
N ASP B 229 36.58 -5.88 -15.08
CA ASP B 229 36.82 -7.05 -14.18
C ASP B 229 37.97 -7.87 -14.78
N LEU B 230 39.05 -8.05 -14.03
CA LEU B 230 40.28 -8.74 -14.50
C LEU B 230 40.51 -10.00 -13.66
N ILE B 231 39.50 -10.48 -12.93
CA ILE B 231 39.62 -11.64 -12.00
C ILE B 231 40.07 -12.87 -12.81
N GLY B 232 39.65 -13.02 -14.07
CA GLY B 232 40.06 -14.10 -14.97
C GLY B 232 41.52 -14.00 -15.43
N GLU B 233 42.21 -12.91 -15.12
CA GLU B 233 43.59 -12.64 -15.60
C GLU B 233 44.58 -13.48 -14.79
N HIS B 234 44.56 -13.32 -13.47
CA HIS B 234 45.44 -14.08 -12.54
C HIS B 234 44.63 -15.17 -11.81
N GLY B 235 43.30 -15.17 -11.95
CA GLY B 235 42.41 -16.04 -11.16
C GLY B 235 42.58 -17.50 -11.54
N VAL B 236 42.39 -18.39 -10.57
CA VAL B 236 42.23 -19.84 -10.84
C VAL B 236 40.74 -20.14 -10.91
N PRO B 237 40.26 -20.68 -12.05
CA PRO B 237 38.85 -21.02 -12.22
C PRO B 237 38.47 -22.22 -11.35
N VAL B 238 37.27 -22.15 -10.76
CA VAL B 238 36.68 -23.31 -10.03
C VAL B 238 35.92 -24.13 -11.07
N PHE B 239 36.37 -25.35 -11.35
CA PHE B 239 35.60 -26.34 -12.15
C PHE B 239 35.11 -27.48 -11.25
N GLU B 240 35.70 -27.64 -10.07
CA GLU B 240 35.29 -28.70 -9.11
C GLU B 240 35.00 -28.06 -7.76
N GLY B 241 33.73 -27.65 -7.55
CA GLY B 241 33.27 -27.03 -6.30
C GLY B 241 33.16 -28.07 -5.21
N THR B 242 33.81 -27.82 -4.06
CA THR B 242 33.86 -28.76 -2.93
C THR B 242 33.10 -28.24 -1.72
N ILE B 243 32.54 -29.18 -0.97
CA ILE B 243 32.08 -29.02 0.44
C ILE B 243 32.83 -30.09 1.24
N GLY B 244 33.62 -29.67 2.21
CA GLY B 244 34.47 -30.56 3.03
C GLY B 244 35.38 -31.42 2.19
N GLY B 245 35.91 -30.85 1.10
CA GLY B 245 36.87 -31.52 0.19
C GLY B 245 36.18 -32.42 -0.83
N GLU B 246 34.88 -32.65 -0.69
CA GLU B 246 34.11 -33.59 -1.54
C GLU B 246 33.57 -32.79 -2.72
N VAL B 247 33.83 -33.25 -3.95
CA VAL B 247 33.37 -32.54 -5.17
C VAL B 247 31.85 -32.69 -5.21
N VAL B 248 31.11 -31.58 -5.14
CA VAL B 248 29.61 -31.60 -5.11
C VAL B 248 29.06 -30.97 -6.39
N ARG B 249 29.83 -30.17 -7.12
CA ARG B 249 29.36 -29.52 -8.37
C ARG B 249 30.55 -29.19 -9.28
N GLU B 250 30.38 -29.39 -10.59
CA GLU B 250 31.41 -29.05 -11.58
C GLU B 250 30.94 -27.85 -12.38
N GLY B 251 31.89 -27.06 -12.87
CA GLY B 251 31.62 -26.03 -13.89
C GLY B 251 31.36 -26.69 -15.22
N ALA B 252 31.17 -25.87 -16.24
CA ALA B 252 30.80 -26.28 -17.60
C ALA B 252 32.07 -26.25 -18.43
N TYR B 253 32.60 -27.39 -18.85
CA TYR B 253 33.71 -27.45 -19.81
C TYR B 253 33.12 -27.00 -21.14
N GLY B 254 33.95 -26.43 -22.01
CA GLY B 254 33.45 -25.91 -23.29
C GLY B 254 34.57 -25.34 -24.13
N GLU B 255 34.40 -25.40 -25.46
N GLU B 255 34.39 -25.43 -25.46
CA GLU B 255 35.40 -24.90 -26.44
CA GLU B 255 35.34 -24.92 -26.49
C GLU B 255 35.23 -23.39 -26.63
C GLU B 255 35.24 -23.39 -26.57
N LYS B 256 34.04 -22.82 -26.39
CA LYS B 256 33.80 -21.36 -26.60
C LYS B 256 34.21 -20.55 -25.36
N ILE B 257 35.32 -19.82 -25.48
CA ILE B 257 35.81 -18.83 -24.49
C ILE B 257 34.97 -17.58 -24.66
N VAL B 258 34.12 -17.27 -23.68
CA VAL B 258 33.34 -16.00 -23.71
C VAL B 258 33.74 -15.11 -22.53
N ALA B 259 33.35 -13.85 -22.61
CA ALA B 259 33.50 -12.91 -21.49
C ALA B 259 34.99 -12.81 -21.12
N ASN B 260 35.86 -12.78 -22.12
CA ASN B 260 37.28 -12.35 -22.00
C ASN B 260 37.28 -10.96 -21.35
N ASP B 261 36.42 -10.04 -21.81
CA ASP B 261 36.36 -8.70 -21.16
C ASP B 261 34.93 -8.31 -20.81
N ILE B 262 34.80 -7.96 -19.53
CA ILE B 262 33.59 -7.49 -18.84
C ILE B 262 33.94 -6.12 -18.30
N SER B 263 33.12 -5.11 -18.59
CA SER B 263 33.37 -3.72 -18.14
C SER B 263 32.03 -3.06 -17.85
N ILE B 264 31.99 -2.27 -16.80
CA ILE B 264 30.78 -1.49 -16.45
C ILE B 264 31.14 -0.02 -16.64
N TRP B 265 30.23 0.74 -17.27
CA TRP B 265 30.44 2.16 -17.64
C TRP B 265 29.29 3.00 -17.05
N LEU B 266 29.64 4.18 -16.59
CA LEU B 266 28.62 5.20 -16.30
C LEU B 266 27.81 5.40 -17.58
N PRO B 267 26.49 5.67 -17.47
CA PRO B 267 25.81 5.75 -16.17
C PRO B 267 25.30 4.42 -15.61
N GLY B 268 25.61 3.30 -16.24
CA GLY B 268 25.20 1.97 -15.78
C GLY B 268 24.91 1.07 -16.96
N VAL B 269 25.95 0.82 -17.77
CA VAL B 269 25.89 -0.05 -18.97
C VAL B 269 27.05 -1.03 -18.90
N LEU B 270 26.72 -2.32 -18.98
CA LEU B 270 27.66 -3.46 -18.96
C LEU B 270 28.03 -3.83 -20.40
N LYS B 271 29.30 -4.16 -20.62
CA LYS B 271 29.79 -4.72 -21.89
C LYS B 271 30.47 -6.06 -21.58
N VAL B 272 30.03 -7.11 -22.27
CA VAL B 272 30.58 -8.49 -22.12
C VAL B 272 31.02 -8.92 -23.51
N ASN B 273 32.31 -9.17 -23.68
CA ASN B 273 32.94 -9.40 -25.00
C ASN B 273 33.90 -10.58 -24.90
N PRO B 274 33.83 -11.59 -25.79
CA PRO B 274 32.65 -11.83 -26.61
C PRO B 274 31.48 -12.45 -25.81
N PHE B 275 30.25 -12.33 -26.33
CA PHE B 275 29.03 -12.93 -25.74
C PHE B 275 27.82 -12.66 -26.62
N PRO B 276 26.90 -13.64 -26.85
CA PRO B 276 27.01 -15.02 -26.34
C PRO B 276 27.82 -15.98 -27.22
N ASN B 277 28.45 -15.45 -28.27
CA ASN B 277 29.23 -16.21 -29.28
C ASN B 277 30.52 -15.45 -29.55
N PRO B 278 31.64 -16.12 -29.93
CA PRO B 278 32.92 -15.43 -30.15
C PRO B 278 32.88 -14.23 -31.11
N ASP B 279 31.88 -14.12 -31.99
CA ASP B 279 31.81 -13.03 -33.01
C ASP B 279 30.84 -11.93 -32.55
N MET B 280 30.39 -11.93 -31.29
CA MET B 280 29.36 -10.98 -30.79
C MET B 280 29.76 -10.42 -29.42
N MET B 281 29.17 -9.29 -29.08
CA MET B 281 29.27 -8.63 -27.76
C MET B 281 27.86 -8.34 -27.25
N GLN B 282 27.71 -8.20 -25.94
CA GLN B 282 26.44 -7.84 -25.28
C GLN B 282 26.66 -6.51 -24.59
N PHE B 283 25.80 -5.55 -24.90
CA PHE B 283 25.69 -4.27 -24.17
C PHE B 283 24.29 -4.20 -23.54
N GLU B 284 24.24 -4.08 -22.24
CA GLU B 284 22.95 -3.95 -21.53
C GLU B 284 23.07 -2.80 -20.54
N TRP B 285 22.02 -1.97 -20.55
CA TRP B 285 21.80 -0.81 -19.66
C TRP B 285 20.79 -1.23 -18.59
N TYR B 286 20.92 -0.64 -17.42
CA TYR B 286 19.97 -0.79 -16.30
C TYR B 286 19.51 0.64 -15.97
N VAL B 287 18.45 1.07 -16.65
CA VAL B 287 18.01 2.50 -16.68
C VAL B 287 16.99 2.73 -15.57
N PRO B 288 17.29 3.66 -14.61
CA PRO B 288 16.41 3.92 -13.47
C PRO B 288 15.07 4.49 -13.95
N ILE B 289 13.95 3.84 -13.59
CA ILE B 289 12.59 4.40 -13.87
C ILE B 289 12.12 5.15 -12.62
N ASP B 290 12.22 4.52 -11.46
CA ASP B 290 12.06 5.14 -10.13
C ASP B 290 12.95 4.37 -9.15
N GLU B 291 12.69 4.49 -7.85
CA GLU B 291 13.54 3.91 -6.80
C GLU B 291 13.50 2.39 -6.92
N ASN B 292 12.39 1.85 -7.47
CA ASN B 292 12.00 0.43 -7.38
C ASN B 292 12.11 -0.29 -8.72
N THR B 293 12.44 0.41 -9.81
CA THR B 293 12.14 -0.02 -11.20
C THR B 293 13.24 0.45 -12.17
N HIS B 294 13.54 -0.36 -13.18
CA HIS B 294 14.52 -0.04 -14.24
C HIS B 294 14.09 -0.65 -15.57
N TYR B 295 14.55 -0.05 -16.65
CA TYR B 295 14.55 -0.66 -18.00
C TYR B 295 15.75 -1.60 -18.04
N TYR B 296 15.49 -2.87 -18.33
CA TYR B 296 16.55 -3.84 -18.72
C TYR B 296 16.66 -3.75 -20.23
N PHE B 297 17.55 -2.87 -20.67
CA PHE B 297 17.74 -2.50 -22.10
C PHE B 297 18.88 -3.35 -22.64
N GLN B 298 18.54 -4.50 -23.21
CA GLN B 298 19.50 -5.52 -23.65
C GLN B 298 19.79 -5.31 -25.14
N THR B 299 21.05 -5.44 -25.56
CA THR B 299 21.45 -5.42 -26.99
C THR B 299 22.63 -6.36 -27.22
N LEU B 300 22.71 -6.87 -28.44
CA LEU B 300 23.79 -7.74 -28.92
C LEU B 300 24.37 -7.06 -30.17
N GLY B 301 25.68 -6.83 -30.14
CA GLY B 301 26.45 -6.26 -31.25
C GLY B 301 27.07 -7.38 -32.05
N LYS B 302 26.91 -7.35 -33.37
CA LYS B 302 27.66 -8.24 -34.28
C LYS B 302 28.19 -7.42 -35.46
N PRO B 303 29.53 -7.28 -35.57
CA PRO B 303 30.11 -6.59 -36.72
C PRO B 303 29.58 -7.29 -37.98
N CYS B 304 28.84 -6.53 -38.82
CA CYS B 304 28.32 -6.96 -40.14
C CYS B 304 28.92 -6.05 -41.22
N ALA B 305 29.58 -6.65 -42.22
CA ALA B 305 30.32 -5.96 -43.31
C ALA B 305 29.39 -5.62 -44.48
N ASN B 306 28.19 -6.23 -44.55
CA ASN B 306 27.23 -6.03 -45.66
C ASN B 306 25.85 -6.60 -45.25
N ASP B 307 24.93 -6.75 -46.22
CA ASP B 307 23.47 -6.84 -45.94
C ASP B 307 22.99 -8.27 -45.80
N GLU B 308 23.59 -9.24 -46.51
CA GLU B 308 23.33 -10.68 -46.25
C GLU B 308 23.79 -10.99 -44.82
N GLU B 309 24.90 -10.39 -44.38
CA GLU B 309 25.43 -10.53 -42.99
C GLU B 309 24.42 -10.01 -41.96
N ARG B 310 23.82 -8.82 -42.16
CA ARG B 310 22.83 -8.20 -41.23
C ARG B 310 21.56 -9.07 -41.16
N LYS B 311 20.97 -9.36 -42.32
CA LYS B 311 19.76 -10.21 -42.46
C LYS B 311 20.03 -11.55 -41.76
N LYS B 312 21.19 -12.16 -42.05
CA LYS B 312 21.65 -13.47 -41.49
C LYS B 312 21.74 -13.38 -39.96
N TYR B 313 22.33 -12.29 -39.48
CA TYR B 313 22.47 -11.96 -38.04
C TYR B 313 21.08 -11.87 -37.42
N GLU B 314 20.17 -11.12 -38.05
CA GLU B 314 18.80 -10.90 -37.54
C GLU B 314 18.04 -12.22 -37.46
N GLN B 315 18.19 -13.09 -38.48
CA GLN B 315 17.65 -14.48 -38.50
C GLN B 315 18.13 -15.24 -37.25
N GLU B 316 19.44 -15.18 -36.99
CA GLU B 316 20.11 -15.90 -35.86
C GLU B 316 19.56 -15.38 -34.53
N PHE B 317 19.39 -14.06 -34.42
CA PHE B 317 18.96 -13.34 -33.19
C PHE B 317 17.56 -13.84 -32.83
N GLU B 318 16.65 -13.76 -33.81
CA GLU B 318 15.22 -14.10 -33.63
C GLU B 318 15.08 -15.60 -33.36
N SER B 319 15.89 -16.46 -33.98
CA SER B 319 15.70 -17.94 -33.88
C SER B 319 16.46 -18.49 -32.67
N LYS B 320 17.60 -17.91 -32.29
CA LYS B 320 18.49 -18.49 -31.26
C LYS B 320 18.88 -17.47 -30.18
N TRP B 321 19.54 -16.37 -30.52
CA TRP B 321 20.22 -15.55 -29.47
C TRP B 321 19.21 -14.93 -28.52
N LYS B 322 18.12 -14.39 -29.06
CA LYS B 322 17.09 -13.71 -28.25
C LYS B 322 16.51 -14.70 -27.24
N PRO B 323 15.91 -15.84 -27.66
CA PRO B 323 15.26 -16.74 -26.70
C PRO B 323 16.28 -17.50 -25.85
N MET B 324 17.41 -17.91 -26.42
CA MET B 324 18.40 -18.75 -25.69
C MET B 324 19.27 -17.86 -24.78
N ALA B 325 19.67 -16.66 -25.21
CA ALA B 325 20.67 -15.83 -24.48
C ALA B 325 19.98 -14.69 -23.69
N LEU B 326 19.41 -13.71 -24.40
CA LEU B 326 18.72 -12.54 -23.80
C LEU B 326 17.56 -12.99 -22.91
N GLU B 327 16.83 -14.05 -23.28
CA GLU B 327 15.72 -14.59 -22.45
C GLU B 327 16.26 -15.74 -21.60
N GLY B 328 16.59 -16.85 -22.22
CA GLY B 328 16.96 -18.06 -21.46
C GLY B 328 17.99 -17.72 -20.40
N PHE B 329 19.16 -17.27 -20.83
CA PHE B 329 20.35 -17.04 -19.98
C PHE B 329 20.11 -15.89 -18.98
N ASN B 330 19.66 -14.71 -19.41
CA ASN B 330 19.55 -13.50 -18.53
C ASN B 330 18.30 -13.53 -17.65
N ASN B 331 17.35 -14.45 -17.82
CA ASN B 331 16.18 -14.55 -16.89
C ASN B 331 16.66 -14.79 -15.45
N ASP B 332 17.73 -15.57 -15.26
CA ASP B 332 18.31 -15.83 -13.93
C ASP B 332 18.89 -14.53 -13.36
N ASP B 333 19.38 -13.61 -14.19
CA ASP B 333 19.89 -12.27 -13.74
C ASP B 333 18.73 -11.45 -13.20
N ILE B 334 17.57 -11.52 -13.86
CA ILE B 334 16.32 -10.81 -13.43
C ILE B 334 15.95 -11.32 -12.03
N TRP B 335 15.88 -12.64 -11.84
CA TRP B 335 15.44 -13.25 -10.55
C TRP B 335 16.45 -12.92 -9.44
N ALA B 336 17.75 -12.91 -9.75
CA ALA B 336 18.86 -12.53 -8.85
C ALA B 336 18.72 -11.07 -8.39
N ARG B 337 18.49 -10.14 -9.31
CA ARG B 337 18.18 -8.73 -8.95
C ARG B 337 17.02 -8.67 -7.93
N GLU B 338 15.91 -9.30 -8.29
CA GLU B 338 14.63 -9.25 -7.52
C GLU B 338 14.88 -9.82 -6.12
N ALA B 339 15.79 -10.80 -6.00
CA ALA B 339 16.06 -11.49 -4.72
C ALA B 339 16.82 -10.59 -3.72
N MET B 340 17.49 -9.55 -4.21
CA MET B 340 18.24 -8.57 -3.37
C MET B 340 17.37 -7.39 -2.97
N VAL B 341 16.16 -7.25 -3.51
CA VAL B 341 15.31 -6.04 -3.31
C VAL B 341 15.08 -5.81 -1.79
N ASP B 342 14.75 -6.87 -1.05
CA ASP B 342 14.34 -6.81 0.38
C ASP B 342 15.50 -6.36 1.27
N PHE B 343 16.71 -6.88 1.06
CA PHE B 343 17.87 -6.53 1.92
C PHE B 343 18.19 -5.04 1.73
N TYR B 344 18.09 -4.49 0.49
CA TYR B 344 18.49 -3.09 0.17
C TYR B 344 17.29 -2.10 0.20
N ALA B 345 16.05 -2.57 0.32
CA ALA B 345 14.81 -1.75 0.22
C ALA B 345 14.82 -0.58 1.20
N ASP B 346 15.29 -0.82 2.41
CA ASP B 346 15.24 0.14 3.55
C ASP B 346 16.58 0.88 3.63
N ASP B 347 17.49 0.63 2.68
CA ASP B 347 18.87 1.18 2.60
C ASP B 347 19.83 0.55 3.62
N LYS B 348 19.39 -0.40 4.44
CA LYS B 348 20.26 -1.03 5.48
C LYS B 348 21.19 -2.09 4.85
N GLY B 349 20.84 -2.64 3.67
CA GLY B 349 21.66 -3.66 2.99
C GLY B 349 23.09 -3.16 2.74
N TRP B 350 23.22 -1.87 2.41
CA TRP B 350 24.47 -1.15 2.05
C TRP B 350 25.44 -1.20 3.23
N VAL B 351 24.91 -1.32 4.44
CA VAL B 351 25.71 -1.41 5.70
C VAL B 351 25.86 -2.87 6.15
N ASN B 352 24.84 -3.70 5.98
CA ASN B 352 24.74 -5.02 6.63
C ASN B 352 25.38 -6.10 5.73
N GLU B 353 25.55 -5.83 4.43
CA GLU B 353 26.12 -6.81 3.47
C GLU B 353 27.48 -7.27 4.03
N ILE B 354 27.86 -8.52 3.82
CA ILE B 354 29.26 -8.97 4.12
C ILE B 354 29.90 -9.36 2.80
N LEU B 355 30.81 -8.53 2.29
CA LEU B 355 31.49 -8.69 0.98
C LEU B 355 32.62 -9.72 1.07
N PHE B 356 33.00 -10.34 -0.06
CA PHE B 356 34.18 -11.24 -0.14
C PHE B 356 35.00 -10.83 -1.36
N GLU B 357 36.03 -11.60 -1.68
CA GLU B 357 37.17 -11.10 -2.50
C GLU B 357 36.71 -10.65 -3.90
N SER B 358 35.84 -11.39 -4.59
CA SER B 358 35.37 -11.05 -5.97
C SER B 358 34.51 -9.77 -5.99
N ASP B 359 33.99 -9.30 -4.86
CA ASP B 359 33.17 -8.06 -4.73
C ASP B 359 34.07 -6.82 -4.89
N GLU B 360 35.37 -7.04 -5.04
CA GLU B 360 36.35 -5.96 -5.31
C GLU B 360 35.92 -5.22 -6.59
N ALA B 361 35.50 -5.98 -7.60
CA ALA B 361 34.90 -5.45 -8.86
C ALA B 361 33.72 -4.52 -8.55
N ILE B 362 32.79 -4.94 -7.70
CA ILE B 362 31.55 -4.18 -7.36
C ILE B 362 31.97 -2.92 -6.58
N VAL B 363 32.92 -3.03 -5.66
CA VAL B 363 33.42 -1.86 -4.87
C VAL B 363 34.09 -0.87 -5.82
N ALA B 364 34.92 -1.34 -6.76
CA ALA B 364 35.58 -0.45 -7.75
C ALA B 364 34.50 0.30 -8.54
N TRP B 365 33.43 -0.38 -8.97
CA TRP B 365 32.28 0.26 -9.66
C TRP B 365 31.61 1.29 -8.73
N ARG B 366 31.40 0.98 -7.45
CA ARG B 366 30.71 1.92 -6.51
C ARG B 366 31.58 3.18 -6.33
N LYS B 367 32.90 3.03 -6.30
CA LYS B 367 33.85 4.19 -6.24
C LYS B 367 33.86 4.96 -7.56
N LEU B 368 34.01 4.29 -8.71
CA LEU B 368 34.00 4.92 -10.07
C LEU B 368 32.71 5.76 -10.17
N ALA B 369 31.56 5.15 -9.91
CA ALA B 369 30.22 5.80 -10.02
C ALA B 369 30.19 7.00 -9.06
N SER B 370 30.66 6.84 -7.81
CA SER B 370 30.70 7.93 -6.80
C SER B 370 31.57 9.10 -7.28
N GLU B 371 32.69 8.80 -7.93
CA GLU B 371 33.71 9.79 -8.38
C GLU B 371 33.21 10.52 -9.64
N HIS B 372 32.73 9.80 -10.66
CA HIS B 372 32.62 10.34 -12.05
C HIS B 372 31.19 10.60 -12.50
N ASN B 373 30.17 10.37 -11.68
CA ASN B 373 28.77 10.67 -12.11
C ASN B 373 28.58 12.19 -12.16
N GLN B 374 27.66 12.67 -13.00
CA GLN B 374 27.54 14.11 -13.36
C GLN B 374 26.37 14.78 -12.62
N GLY B 375 25.94 14.23 -11.48
CA GLY B 375 24.75 14.68 -10.71
C GLY B 375 23.99 13.52 -10.06
N ILE B 376 23.58 13.66 -8.80
CA ILE B 376 22.62 12.76 -8.10
C ILE B 376 21.18 13.23 -8.34
N GLN B 377 20.34 12.42 -9.00
CA GLN B 377 18.89 12.73 -9.21
C GLN B 377 18.20 12.67 -7.84
N THR B 378 17.45 13.71 -7.49
CA THR B 378 16.66 13.80 -6.23
C THR B 378 15.16 13.97 -6.56
N GLN B 379 14.34 13.77 -5.53
CA GLN B 379 12.89 14.11 -5.46
C GLN B 379 12.64 15.58 -5.79
N ALA B 380 13.61 16.44 -5.51
CA ALA B 380 13.57 17.89 -5.85
C ALA B 380 13.45 18.01 -7.37
N HIS B 381 14.21 17.22 -8.13
CA HIS B 381 14.23 17.24 -9.61
C HIS B 381 12.89 16.71 -10.13
N VAL B 382 12.28 15.81 -9.37
CA VAL B 382 11.04 15.07 -9.75
C VAL B 382 9.82 15.91 -9.39
N SER B 383 9.70 16.35 -8.13
CA SER B 383 8.57 17.16 -7.59
C SER B 383 8.86 18.65 -7.74
N GLY B 384 9.70 19.21 -6.86
CA GLY B 384 10.11 20.62 -6.89
C GLY B 384 10.70 21.06 -5.56
N ALA C 2 -2.97 21.47 10.56
CA ALA C 2 -3.13 20.20 11.35
C ALA C 2 -2.88 18.98 10.44
N ASN C 3 -3.43 18.99 9.22
CA ASN C 3 -3.43 17.84 8.29
C ASN C 3 -2.22 17.89 7.34
N VAL C 4 -1.65 19.07 7.09
CA VAL C 4 -0.54 19.28 6.10
C VAL C 4 0.69 19.85 6.81
N ASP C 5 1.87 19.33 6.47
CA ASP C 5 3.21 19.84 6.89
C ASP C 5 3.15 21.37 6.95
N GLU C 6 3.57 21.94 8.09
CA GLU C 6 3.49 23.40 8.35
C GLU C 6 4.36 24.16 7.33
N ALA C 7 5.40 23.52 6.79
CA ALA C 7 6.25 24.06 5.71
C ALA C 7 5.36 24.58 4.56
N ILE C 8 4.57 23.68 3.97
CA ILE C 8 3.67 23.96 2.79
C ILE C 8 2.65 25.06 3.18
N LEU C 9 2.01 24.92 4.34
CA LEU C 9 0.94 25.84 4.82
C LEU C 9 1.45 27.29 4.95
N LYS C 10 2.73 27.49 5.28
CA LYS C 10 3.34 28.85 5.42
C LYS C 10 3.42 29.50 4.03
N ARG C 11 3.61 28.70 2.99
CA ARG C 11 3.80 29.15 1.58
C ARG C 11 2.46 29.46 0.89
N VAL C 12 1.31 29.15 1.49
CA VAL C 12 -0.03 29.37 0.84
C VAL C 12 -0.86 30.34 1.69
N LYS C 13 -0.22 31.36 2.24
CA LYS C 13 -0.76 32.24 3.33
C LYS C 13 -2.25 32.53 3.09
N GLY C 14 -2.58 33.17 1.97
CA GLY C 14 -3.91 33.75 1.66
C GLY C 14 -5.04 32.72 1.67
N TRP C 15 -4.75 31.42 1.75
CA TRP C 15 -5.79 30.36 1.82
C TRP C 15 -5.26 29.06 2.44
N ALA C 16 -4.35 29.16 3.41
CA ALA C 16 -3.71 28.01 4.10
C ALA C 16 -4.74 27.07 4.72
N PRO C 17 -5.83 27.56 5.38
CA PRO C 17 -6.82 26.67 5.97
C PRO C 17 -7.51 25.74 4.96
N TYR C 18 -7.74 26.23 3.74
CA TYR C 18 -8.26 25.42 2.62
C TYR C 18 -7.30 24.27 2.26
N VAL C 19 -6.01 24.56 2.15
CA VAL C 19 -4.95 23.56 1.82
C VAL C 19 -4.85 22.54 2.97
N ASP C 20 -5.23 22.91 4.19
CA ASP C 20 -5.23 21.98 5.36
C ASP C 20 -6.47 21.08 5.33
N ALA C 21 -7.53 21.46 4.59
CA ALA C 21 -8.88 20.89 4.72
C ALA C 21 -9.01 19.65 3.82
N LYS C 22 -8.01 18.78 3.89
CA LYS C 22 -7.86 17.54 3.09
C LYS C 22 -9.05 16.61 3.31
N LEU C 23 -9.60 16.57 4.52
CA LEU C 23 -10.72 15.67 4.87
C LEU C 23 -12.07 16.41 4.77
N GLY C 24 -12.08 17.64 4.30
CA GLY C 24 -13.32 18.43 4.18
C GLY C 24 -13.56 19.29 5.40
N PHE C 25 -14.69 20.00 5.41
CA PHE C 25 -15.05 21.02 6.43
C PHE C 25 -16.09 20.42 7.39
N ARG C 26 -15.72 20.31 8.68
CA ARG C 26 -16.65 19.87 9.76
C ARG C 26 -17.70 20.96 10.01
N ASN C 27 -18.88 20.55 10.50
CA ASN C 27 -19.98 21.43 10.95
C ASN C 27 -20.72 21.98 9.72
N HIS C 28 -20.87 21.15 8.69
CA HIS C 28 -21.73 21.41 7.52
C HIS C 28 -22.60 20.19 7.22
N TRP C 29 -23.66 20.42 6.46
CA TRP C 29 -24.52 19.36 5.87
C TRP C 29 -23.85 18.85 4.59
N TYR C 30 -23.97 17.54 4.33
CA TYR C 30 -23.50 16.91 3.08
C TYR C 30 -24.50 15.87 2.62
N PRO C 31 -24.86 15.85 1.32
CA PRO C 31 -25.67 14.77 0.78
C PRO C 31 -24.78 13.53 0.59
N VAL C 32 -25.30 12.36 0.94
CA VAL C 32 -24.55 11.07 0.94
C VAL C 32 -25.30 10.00 0.12
N MET C 33 -26.61 10.15 -0.07
CA MET C 33 -27.42 9.17 -0.81
C MET C 33 -28.84 9.73 -1.01
N PHE C 34 -29.61 9.08 -1.88
CA PHE C 34 -31.01 9.43 -2.19
C PHE C 34 -31.94 8.70 -1.21
N SER C 35 -33.08 9.34 -0.91
CA SER C 35 -34.14 8.88 0.01
C SER C 35 -34.56 7.46 -0.35
N LYS C 36 -34.74 7.17 -1.65
CA LYS C 36 -35.26 5.88 -2.15
C LYS C 36 -34.23 4.76 -1.93
N GLU C 37 -33.00 5.09 -1.53
CA GLU C 37 -31.90 4.10 -1.43
C GLU C 37 -31.88 3.48 -0.03
N ILE C 38 -32.68 3.99 0.91
CA ILE C 38 -32.68 3.49 2.31
C ILE C 38 -34.11 3.24 2.76
N ASN C 39 -34.42 1.98 3.03
CA ASN C 39 -35.77 1.51 3.45
C ASN C 39 -35.78 1.29 4.95
N GLU C 40 -37.01 1.28 5.49
CA GLU C 40 -37.39 1.09 6.92
C GLU C 40 -36.63 -0.10 7.48
N GLY C 41 -35.88 0.10 8.56
CA GLY C 41 -35.14 -0.96 9.27
C GLY C 41 -34.04 -1.61 8.42
N GLU C 42 -33.58 -0.98 7.34
CA GLU C 42 -32.51 -1.52 6.45
C GLU C 42 -31.30 -0.60 6.47
N PRO C 43 -30.48 -0.65 7.55
CA PRO C 43 -29.41 0.32 7.74
C PRO C 43 -28.35 0.23 6.64
N LYS C 44 -27.82 1.38 6.27
CA LYS C 44 -26.78 1.53 5.23
C LYS C 44 -25.55 2.11 5.91
N THR C 45 -24.38 1.63 5.46
CA THR C 45 -23.08 2.07 5.95
C THR C 45 -22.49 3.02 4.90
N LEU C 46 -21.79 4.07 5.33
CA LEU C 46 -21.02 4.93 4.41
C LEU C 46 -19.92 5.60 5.20
N LYS C 47 -18.99 6.23 4.48
CA LYS C 47 -17.89 7.01 5.08
C LYS C 47 -18.02 8.45 4.59
N LEU C 48 -17.99 9.40 5.52
CA LEU C 48 -18.14 10.85 5.30
C LEU C 48 -17.10 11.58 6.15
N LEU C 49 -16.26 12.42 5.52
CA LEU C 49 -15.18 13.19 6.19
C LEU C 49 -14.26 12.22 6.96
N GLY C 50 -14.06 11.02 6.40
CA GLY C 50 -13.15 9.99 6.93
C GLY C 50 -13.79 9.14 8.01
N GLU C 51 -15.01 9.48 8.44
CA GLU C 51 -15.75 8.80 9.54
C GLU C 51 -16.70 7.76 8.95
N ASN C 52 -16.68 6.54 9.50
CA ASN C 52 -17.61 5.45 9.14
C ASN C 52 -18.93 5.68 9.90
N LEU C 53 -20.07 5.75 9.19
CA LEU C 53 -21.42 6.07 9.73
C LEU C 53 -22.46 4.98 9.38
N LEU C 54 -23.40 4.73 10.28
CA LEU C 54 -24.60 3.88 10.06
C LEU C 54 -25.81 4.80 9.95
N VAL C 55 -26.65 4.56 8.95
CA VAL C 55 -27.92 5.32 8.77
C VAL C 55 -29.05 4.29 8.74
N ASN C 56 -30.10 4.55 9.52
CA ASN C 56 -31.29 3.68 9.60
C ASN C 56 -32.51 4.58 9.39
N ARG C 57 -33.55 3.98 8.81
CA ARG C 57 -34.89 4.58 8.68
C ARG C 57 -35.78 3.83 9.66
N ILE C 58 -36.25 4.53 10.70
CA ILE C 58 -37.11 3.96 11.76
C ILE C 58 -38.38 4.80 11.88
N ASP C 59 -39.53 4.17 11.71
CA ASP C 59 -40.84 4.87 11.61
C ASP C 59 -40.67 6.04 10.65
N GLY C 60 -39.93 5.84 9.56
CA GLY C 60 -39.82 6.75 8.42
C GLY C 60 -38.81 7.86 8.65
N LYS C 61 -38.32 8.02 9.87
CA LYS C 61 -37.32 9.08 10.21
C LYS C 61 -35.91 8.48 10.16
N LEU C 62 -34.97 9.25 9.63
CA LEU C 62 -33.57 8.81 9.43
C LEU C 62 -32.80 9.10 10.72
N TYR C 63 -31.94 8.17 11.13
CA TYR C 63 -31.05 8.35 12.30
C TYR C 63 -29.63 8.00 11.89
N CYS C 64 -28.66 8.68 12.46
CA CYS C 64 -27.24 8.42 12.12
C CYS C 64 -26.43 8.19 13.41
N LEU C 65 -25.80 6.99 13.49
CA LEU C 65 -24.81 6.59 14.53
C LEU C 65 -23.43 6.41 13.87
N LYS C 66 -22.35 6.81 14.56
CA LYS C 66 -20.97 6.49 14.11
C LYS C 66 -20.81 4.97 14.13
N ASP C 67 -20.31 4.40 13.03
CA ASP C 67 -20.15 2.92 12.82
C ASP C 67 -18.80 2.53 13.43
N ARG C 68 -18.64 2.79 14.73
CA ARG C 68 -17.48 2.34 15.50
C ARG C 68 -17.93 2.15 16.95
N CYS C 69 -17.99 0.90 17.42
CA CYS C 69 -18.39 0.53 18.80
C CYS C 69 -17.42 1.19 19.78
N LEU C 70 -17.91 1.61 20.95
CA LEU C 70 -17.13 2.40 21.94
C LEU C 70 -16.08 1.49 22.58
N HIS C 71 -16.33 0.19 22.51
CA HIS C 71 -15.64 -0.87 23.29
C HIS C 71 -14.27 -1.15 22.65
N ARG C 72 -14.23 -1.94 21.56
CA ARG C 72 -12.99 -2.31 20.80
C ARG C 72 -12.97 -1.69 19.39
N GLY C 73 -13.84 -0.74 19.09
CA GLY C 73 -13.73 0.06 17.85
C GLY C 73 -14.02 -0.74 16.59
N VAL C 74 -14.80 -1.81 16.70
CA VAL C 74 -15.24 -2.57 15.50
C VAL C 74 -16.40 -1.79 14.84
N GLN C 75 -16.48 -1.84 13.52
CA GLN C 75 -17.68 -1.36 12.78
C GLN C 75 -18.86 -2.26 13.16
N LEU C 76 -19.95 -1.67 13.65
CA LEU C 76 -21.22 -2.37 13.98
C LEU C 76 -21.71 -3.05 12.70
N SER C 77 -21.50 -2.42 11.54
CA SER C 77 -22.05 -2.90 10.25
C SER C 77 -21.40 -4.21 9.80
N VAL C 78 -20.26 -4.63 10.37
CA VAL C 78 -19.64 -5.94 10.05
C VAL C 78 -20.74 -7.02 10.16
N LYS C 79 -21.64 -6.89 11.12
CA LYS C 79 -22.78 -7.81 11.35
C LYS C 79 -23.87 -7.05 12.12
N VAL C 80 -24.91 -6.57 11.45
CA VAL C 80 -25.93 -5.67 12.07
C VAL C 80 -26.89 -6.50 12.91
N GLU C 81 -27.14 -6.07 14.15
CA GLU C 81 -28.04 -6.75 15.11
C GLU C 81 -28.98 -5.70 15.72
N CYS C 82 -29.99 -5.30 14.96
CA CYS C 82 -31.13 -4.46 15.43
C CYS C 82 -32.13 -5.36 16.13
N LYS C 83 -32.02 -5.49 17.44
CA LYS C 83 -32.72 -6.53 18.22
C LYS C 83 -34.09 -5.99 18.65
N THR C 84 -34.15 -4.69 18.99
CA THR C 84 -35.41 -3.92 19.10
C THR C 84 -35.42 -2.87 17.99
N LYS C 85 -36.49 -2.09 17.89
CA LYS C 85 -36.76 -1.17 16.76
C LYS C 85 -35.95 0.11 16.95
N SER C 86 -35.70 0.53 18.19
CA SER C 86 -34.98 1.78 18.52
C SER C 86 -33.53 1.51 18.97
N THR C 87 -32.99 0.30 18.79
CA THR C 87 -31.59 -0.01 19.19
C THR C 87 -30.83 -0.76 18.10
N ILE C 88 -29.52 -0.73 18.25
CA ILE C 88 -28.57 -1.65 17.54
C ILE C 88 -27.67 -2.24 18.62
N THR C 89 -27.39 -3.53 18.50
CA THR C 89 -26.55 -4.30 19.45
C THR C 89 -25.24 -4.65 18.76
N CYS C 90 -24.10 -4.20 19.28
CA CYS C 90 -22.78 -4.61 18.69
C CYS C 90 -22.70 -6.13 18.61
N TRP C 91 -22.36 -6.67 17.45
CA TRP C 91 -22.26 -8.14 17.22
C TRP C 91 -21.18 -8.81 18.10
N TYR C 92 -20.31 -8.04 18.76
CA TYR C 92 -19.06 -8.56 19.40
C TYR C 92 -19.32 -8.93 20.87
N HIS C 93 -19.54 -7.94 21.75
CA HIS C 93 -19.83 -8.14 23.19
C HIS C 93 -21.21 -7.56 23.51
N ALA C 94 -22.02 -7.33 22.47
CA ALA C 94 -23.46 -6.99 22.56
C ALA C 94 -23.69 -5.71 23.38
N TRP C 95 -22.81 -4.72 23.30
CA TRP C 95 -23.12 -3.33 23.72
C TRP C 95 -24.27 -2.85 22.81
N THR C 96 -25.30 -2.26 23.41
CA THR C 96 -26.57 -1.92 22.75
C THR C 96 -26.76 -0.40 22.87
N TYR C 97 -26.96 0.26 21.73
CA TYR C 97 -27.02 1.74 21.59
C TYR C 97 -28.43 2.16 21.12
N ARG C 98 -28.89 3.31 21.58
CA ARG C 98 -30.15 3.91 21.08
C ARG C 98 -29.81 4.71 19.81
N TRP C 99 -30.49 4.41 18.71
CA TRP C 99 -30.42 5.19 17.45
C TRP C 99 -30.72 6.67 17.73
N GLU C 100 -31.61 6.96 18.68
CA GLU C 100 -32.15 8.33 18.91
C GLU C 100 -31.07 9.26 19.46
N ASP C 101 -30.25 8.81 20.41
CA ASP C 101 -29.24 9.65 21.13
C ASP C 101 -27.88 8.94 21.21
N GLY C 102 -27.78 7.69 20.75
CA GLY C 102 -26.53 6.90 20.80
C GLY C 102 -26.18 6.42 22.20
N VAL C 103 -27.12 6.54 23.14
CA VAL C 103 -26.84 6.21 24.57
C VAL C 103 -26.63 4.71 24.69
N LEU C 104 -25.53 4.31 25.32
CA LEU C 104 -25.31 2.89 25.71
C LEU C 104 -26.40 2.55 26.74
N CYS C 105 -27.44 1.85 26.31
CA CYS C 105 -28.66 1.63 27.14
C CYS C 105 -28.67 0.23 27.78
N ASP C 106 -28.05 -0.76 27.13
CA ASP C 106 -27.93 -2.17 27.62
C ASP C 106 -26.58 -2.79 27.19
N ILE C 107 -26.13 -3.84 27.88
CA ILE C 107 -25.05 -4.76 27.42
C ILE C 107 -25.52 -6.19 27.72
N LEU C 108 -25.84 -6.96 26.68
CA LEU C 108 -26.47 -8.30 26.82
C LEU C 108 -25.51 -9.26 27.53
N THR C 109 -24.20 -9.04 27.46
CA THR C 109 -23.16 -9.95 28.04
C THR C 109 -22.82 -9.56 29.49
N ASN C 110 -23.21 -8.35 29.93
CA ASN C 110 -23.07 -7.91 31.35
C ASN C 110 -24.20 -6.91 31.64
N PRO C 111 -25.43 -7.37 31.97
CA PRO C 111 -26.59 -6.48 32.09
C PRO C 111 -26.49 -5.53 33.29
N THR C 112 -25.54 -5.74 34.20
CA THR C 112 -25.30 -4.91 35.42
C THR C 112 -24.10 -3.98 35.24
N SER C 113 -23.50 -3.92 34.05
CA SER C 113 -22.26 -3.12 33.80
C SER C 113 -22.48 -1.67 34.25
N ALA C 114 -21.53 -1.09 34.95
CA ALA C 114 -21.52 0.35 35.32
C ALA C 114 -21.32 1.26 34.11
N GLN C 115 -21.04 0.72 32.91
CA GLN C 115 -20.96 1.57 31.69
C GLN C 115 -22.38 1.91 31.24
N ILE C 116 -23.32 0.98 31.39
CA ILE C 116 -24.72 1.10 30.90
C ILE C 116 -25.28 2.44 31.38
N GLY C 117 -25.76 3.25 30.44
CA GLY C 117 -26.37 4.56 30.72
C GLY C 117 -25.32 5.62 31.02
N ARG C 118 -24.03 5.30 30.93
CA ARG C 118 -22.94 6.26 31.30
C ARG C 118 -22.06 6.58 30.08
N GLN C 119 -22.39 6.02 28.90
CA GLN C 119 -21.61 6.21 27.65
C GLN C 119 -22.57 6.52 26.49
N LYS C 120 -22.12 7.36 25.57
CA LYS C 120 -22.88 7.81 24.38
C LYS C 120 -22.04 7.54 23.12
N LEU C 121 -22.55 6.70 22.22
CA LEU C 121 -22.05 6.62 20.83
C LEU C 121 -22.42 7.91 20.12
N LYS C 122 -21.46 8.52 19.45
CA LYS C 122 -21.63 9.75 18.65
C LYS C 122 -22.74 9.54 17.60
N THR C 123 -23.68 10.48 17.55
CA THR C 123 -24.77 10.57 16.55
C THR C 123 -24.56 11.82 15.70
N TYR C 124 -25.11 11.84 14.48
CA TYR C 124 -25.12 13.04 13.61
C TYR C 124 -26.56 13.28 13.18
N PRO C 125 -26.98 14.56 13.11
CA PRO C 125 -28.30 14.88 12.58
C PRO C 125 -28.35 14.37 11.14
N VAL C 126 -29.53 13.89 10.75
CA VAL C 126 -29.89 13.57 9.34
C VAL C 126 -31.19 14.26 8.99
N GLN C 127 -31.25 14.81 7.79
CA GLN C 127 -32.47 15.44 7.24
C GLN C 127 -32.63 14.99 5.81
N GLU C 128 -33.85 14.69 5.39
CA GLU C 128 -34.17 14.42 3.97
C GLU C 128 -34.82 15.67 3.39
N ALA C 129 -34.35 16.14 2.22
CA ALA C 129 -34.97 17.23 1.43
C ALA C 129 -34.77 16.93 -0.06
N LYS C 130 -35.81 17.11 -0.87
CA LYS C 130 -35.69 16.97 -2.35
C LYS C 130 -35.21 15.56 -2.73
N GLY C 131 -35.57 14.55 -1.95
CA GLY C 131 -35.27 13.12 -2.20
C GLY C 131 -33.81 12.75 -1.92
N CYS C 132 -33.10 13.63 -1.21
CA CYS C 132 -31.65 13.55 -0.90
C CYS C 132 -31.44 13.40 0.61
N VAL C 133 -30.50 12.54 1.03
CA VAL C 133 -30.19 12.35 2.46
C VAL C 133 -28.98 13.21 2.79
N PHE C 134 -29.16 14.18 3.68
CA PHE C 134 -28.08 15.07 4.18
C PHE C 134 -27.75 14.70 5.61
N ILE C 135 -26.45 14.66 5.89
CA ILE C 135 -25.91 14.40 7.24
C ILE C 135 -25.18 15.65 7.66
N TYR C 136 -25.43 16.11 8.88
CA TYR C 136 -24.67 17.20 9.49
C TYR C 136 -23.46 16.57 10.18
N LEU C 137 -22.30 16.62 9.51
CA LEU C 137 -21.03 16.06 10.07
C LEU C 137 -20.39 17.15 10.93
N GLY C 138 -20.93 17.31 12.14
CA GLY C 138 -20.50 18.33 13.09
C GLY C 138 -21.09 18.13 14.47
N ASP C 139 -20.73 19.02 15.39
CA ASP C 139 -20.95 18.87 16.85
C ASP C 139 -22.13 19.77 17.23
N GLY C 140 -23.01 19.23 18.09
CA GLY C 140 -24.16 19.96 18.66
C GLY C 140 -25.21 20.31 17.63
N ASP C 141 -25.92 21.41 17.91
CA ASP C 141 -27.19 21.80 17.25
C ASP C 141 -26.92 22.21 15.81
N PRO C 142 -27.55 21.58 14.81
CA PRO C 142 -27.27 21.90 13.43
C PRO C 142 -27.99 23.18 13.01
N PRO C 143 -27.38 23.95 12.08
CA PRO C 143 -28.05 25.07 11.42
C PRO C 143 -29.08 24.56 10.43
N PRO C 144 -29.82 25.46 9.74
CA PRO C 144 -30.81 25.04 8.75
C PRO C 144 -30.05 24.52 7.52
N LEU C 145 -30.64 23.55 6.84
CA LEU C 145 -30.03 22.93 5.63
C LEU C 145 -29.71 24.06 4.64
N ALA C 146 -30.61 25.04 4.52
CA ALA C 146 -30.57 26.13 3.52
C ALA C 146 -29.19 26.77 3.48
N ARG C 147 -28.54 26.94 4.64
CA ARG C 147 -27.24 27.62 4.74
C ARG C 147 -26.20 26.92 3.83
N ASP C 148 -26.26 25.59 3.76
CA ASP C 148 -25.25 24.74 3.08
C ASP C 148 -25.79 24.21 1.73
N THR C 149 -26.86 24.80 1.19
CA THR C 149 -27.35 24.52 -0.19
C THR C 149 -27.20 25.77 -1.06
N PRO C 150 -26.95 25.62 -2.39
CA PRO C 150 -26.94 26.76 -3.28
C PRO C 150 -28.36 27.33 -3.42
N PRO C 151 -28.52 28.63 -3.75
CA PRO C 151 -29.84 29.22 -4.03
C PRO C 151 -30.71 28.42 -5.00
N ASN C 152 -31.99 28.29 -4.65
CA ASN C 152 -33.11 27.72 -5.46
C ASN C 152 -33.26 26.21 -5.27
N PHE C 153 -32.26 25.50 -4.72
CA PHE C 153 -32.29 24.03 -4.57
C PHE C 153 -33.52 23.61 -3.75
N LEU C 154 -33.91 24.39 -2.75
CA LEU C 154 -35.04 24.07 -1.85
C LEU C 154 -36.32 24.82 -2.27
N ASP C 155 -36.35 25.51 -3.41
CA ASP C 155 -37.62 26.12 -3.90
C ASP C 155 -38.72 25.06 -3.89
N ASP C 156 -39.92 25.43 -3.40
CA ASP C 156 -41.12 24.55 -3.28
C ASP C 156 -41.34 23.75 -4.56
N ASP C 157 -41.24 24.40 -5.74
CA ASP C 157 -41.61 23.80 -7.05
C ASP C 157 -40.41 23.12 -7.73
N MET C 158 -39.18 23.31 -7.22
CA MET C 158 -37.96 22.71 -7.83
C MET C 158 -38.02 21.18 -7.64
N GLU C 159 -38.11 20.47 -8.75
CA GLU C 159 -38.05 18.99 -8.80
C GLU C 159 -36.58 18.60 -8.96
N ILE C 160 -36.04 17.81 -8.02
CA ILE C 160 -34.62 17.36 -8.01
C ILE C 160 -34.51 15.89 -8.43
N LEU C 161 -33.73 15.62 -9.48
CA LEU C 161 -33.33 14.24 -9.86
C LEU C 161 -31.81 14.18 -10.01
N GLY C 162 -31.20 13.15 -9.48
CA GLY C 162 -29.73 13.11 -9.42
C GLY C 162 -29.15 11.76 -9.75
N LYS C 163 -27.85 11.68 -9.53
CA LYS C 163 -27.05 10.45 -9.61
C LYS C 163 -25.88 10.63 -8.65
N ASN C 164 -25.44 9.54 -8.04
CA ASN C 164 -24.35 9.57 -7.05
C ASN C 164 -23.33 8.51 -7.42
N GLN C 165 -22.05 8.82 -7.34
CA GLN C 165 -20.99 7.78 -7.44
C GLN C 165 -19.77 8.24 -6.66
N ILE C 166 -18.88 7.29 -6.39
CA ILE C 166 -17.62 7.47 -5.62
C ILE C 166 -16.51 7.68 -6.64
N ILE C 167 -15.82 8.81 -6.57
CA ILE C 167 -14.71 9.19 -7.48
C ILE C 167 -13.41 9.23 -6.67
N LYS C 168 -12.32 8.67 -7.22
CA LYS C 168 -10.99 8.59 -6.56
C LYS C 168 -10.17 9.87 -6.84
N SER C 169 -10.65 10.99 -6.32
CA SER C 169 -9.87 12.25 -6.18
C SER C 169 -10.29 12.93 -4.89
N ASN C 170 -9.36 13.68 -4.31
CA ASN C 170 -9.66 14.64 -3.24
C ASN C 170 -10.83 15.50 -3.72
N TRP C 171 -11.74 15.84 -2.79
CA TRP C 171 -12.95 16.66 -2.99
C TRP C 171 -12.58 18.02 -3.59
N ARG C 172 -11.45 18.59 -3.21
CA ARG C 172 -11.06 19.96 -3.63
C ARG C 172 -10.64 19.97 -5.10
N LEU C 173 -10.07 18.88 -5.62
CA LEU C 173 -9.73 18.84 -7.05
C LEU C 173 -11.04 18.82 -7.84
N ALA C 174 -12.11 18.30 -7.25
CA ALA C 174 -13.44 18.20 -7.88
C ALA C 174 -14.11 19.59 -7.90
N VAL C 175 -14.05 20.32 -6.78
CA VAL C 175 -14.61 21.71 -6.67
C VAL C 175 -13.95 22.57 -7.72
N GLU C 176 -12.62 22.59 -7.74
CA GLU C 176 -11.87 23.51 -8.61
C GLU C 176 -12.03 23.07 -10.07
N ASN C 177 -12.30 21.79 -10.31
CA ASN C 177 -12.63 21.37 -11.70
C ASN C 177 -13.99 21.98 -12.06
N GLY C 178 -15.00 21.81 -11.20
CA GLY C 178 -16.36 22.37 -11.38
C GLY C 178 -16.37 23.88 -11.59
N PHE C 179 -15.72 24.66 -10.73
CA PHE C 179 -15.79 26.15 -10.75
C PHE C 179 -14.74 26.75 -11.69
N ASP C 180 -14.15 25.97 -12.61
CA ASP C 180 -13.06 26.45 -13.51
C ASP C 180 -13.68 27.02 -14.77
N PRO C 181 -13.52 28.34 -15.05
CA PRO C 181 -14.08 28.93 -16.28
C PRO C 181 -13.40 28.46 -17.57
N SER C 182 -12.12 28.05 -17.52
CA SER C 182 -11.33 27.64 -18.72
C SER C 182 -11.44 26.14 -18.97
N HIS C 183 -11.96 25.37 -18.02
CA HIS C 183 -11.98 23.89 -18.09
C HIS C 183 -12.97 23.42 -19.16
N ILE C 184 -13.95 24.27 -19.54
CA ILE C 184 -14.95 23.95 -20.61
C ILE C 184 -14.21 23.50 -21.86
N TYR C 185 -12.94 23.85 -22.04
CA TYR C 185 -12.08 23.30 -23.11
C TYR C 185 -12.23 21.76 -23.19
N ILE C 186 -12.25 21.06 -22.05
CA ILE C 186 -12.31 19.55 -22.04
C ILE C 186 -13.62 19.06 -22.64
N HIS C 187 -14.66 19.91 -22.66
CA HIS C 187 -16.06 19.55 -23.01
C HIS C 187 -16.40 19.81 -24.49
N LYS C 188 -15.45 20.26 -25.31
CA LYS C 188 -15.68 20.78 -26.70
C LYS C 188 -16.15 19.67 -27.66
N ASP C 189 -15.95 18.39 -27.34
CA ASP C 189 -16.42 17.27 -28.20
C ASP C 189 -17.55 16.53 -27.51
N SER C 190 -18.10 17.07 -26.43
CA SER C 190 -19.23 16.43 -25.71
C SER C 190 -20.41 16.18 -26.66
N ILE C 191 -21.03 15.01 -26.58
CA ILE C 191 -22.30 14.67 -27.27
C ILE C 191 -23.36 15.68 -26.85
N LEU C 192 -23.36 16.13 -25.59
CA LEU C 192 -24.35 17.14 -25.14
C LEU C 192 -24.21 18.41 -25.99
N VAL C 193 -22.99 18.85 -26.25
CA VAL C 193 -22.73 20.15 -26.97
C VAL C 193 -23.24 20.03 -28.41
N LYS C 194 -23.04 18.88 -29.07
CA LYS C 194 -23.41 18.66 -30.49
C LYS C 194 -24.91 18.37 -30.59
N ASP C 195 -25.43 17.42 -29.82
CA ASP C 195 -26.86 16.97 -29.90
C ASP C 195 -27.81 18.04 -29.37
N ASN C 196 -27.49 18.67 -28.24
CA ASN C 196 -28.35 19.72 -27.61
C ASN C 196 -27.92 21.10 -28.13
N ASP C 197 -27.08 21.13 -29.17
CA ASP C 197 -26.71 22.36 -29.93
C ASP C 197 -26.41 23.51 -28.96
N LEU C 198 -25.47 23.31 -28.04
CA LEU C 198 -25.11 24.33 -27.02
C LEU C 198 -24.18 25.37 -27.62
N ALA C 199 -24.41 26.62 -27.27
CA ALA C 199 -23.41 27.70 -27.33
C ALA C 199 -22.35 27.35 -26.28
N LEU C 200 -21.11 27.06 -26.70
CA LEU C 200 -20.00 26.80 -25.77
C LEU C 200 -18.66 27.29 -26.35
N PRO C 201 -18.04 28.31 -25.74
CA PRO C 201 -16.73 28.78 -26.18
C PRO C 201 -15.64 27.80 -25.72
N LEU C 202 -14.45 27.93 -26.28
CA LEU C 202 -13.25 27.21 -25.79
C LEU C 202 -12.85 27.78 -24.42
N GLY C 203 -13.16 29.06 -24.16
CA GLY C 203 -12.69 29.81 -22.98
C GLY C 203 -13.05 31.28 -23.08
N PHE C 204 -12.39 32.11 -22.26
CA PHE C 204 -12.67 33.56 -22.10
C PHE C 204 -11.37 34.34 -21.85
N ALA C 205 -11.05 35.31 -22.72
CA ALA C 205 -10.14 36.44 -22.43
C ALA C 205 -10.82 37.40 -21.46
N PRO C 206 -10.35 37.53 -20.19
CA PRO C 206 -11.11 38.26 -19.19
C PRO C 206 -11.05 39.77 -19.42
N GLY C 207 -12.01 40.50 -18.86
CA GLY C 207 -12.16 41.97 -18.97
C GLY C 207 -12.29 42.59 -17.60
N GLY C 208 -12.01 43.90 -17.50
CA GLY C 208 -12.09 44.66 -16.23
C GLY C 208 -11.06 44.20 -15.22
N ASP C 209 -11.23 44.60 -13.96
CA ASP C 209 -10.26 44.42 -12.87
C ASP C 209 -10.58 43.11 -12.15
N ARG C 210 -9.71 42.71 -11.22
CA ARG C 210 -9.78 41.40 -10.54
C ARG C 210 -11.11 41.28 -9.78
N LYS C 211 -11.59 42.37 -9.18
CA LYS C 211 -12.86 42.43 -8.39
C LYS C 211 -14.09 42.12 -9.26
N GLN C 212 -14.02 42.29 -10.60
CA GLN C 212 -15.18 42.14 -11.54
C GLN C 212 -15.34 40.67 -11.99
N GLN C 213 -14.25 39.89 -11.90
CA GLN C 213 -14.16 38.42 -12.21
C GLN C 213 -15.19 37.63 -11.41
N THR C 214 -15.34 37.97 -10.14
CA THR C 214 -16.07 37.18 -9.11
C THR C 214 -17.10 38.11 -8.47
N ARG C 215 -18.10 37.52 -7.80
CA ARG C 215 -18.95 38.20 -6.81
C ARG C 215 -19.05 37.28 -5.60
N VAL C 216 -18.39 37.65 -4.50
CA VAL C 216 -18.43 36.88 -3.23
C VAL C 216 -19.77 37.19 -2.55
N VAL C 217 -20.49 36.13 -2.19
CA VAL C 217 -21.77 36.22 -1.44
C VAL C 217 -21.47 35.74 -0.02
N ASP C 218 -21.26 36.67 0.91
CA ASP C 218 -21.26 36.41 2.37
C ASP C 218 -22.47 37.10 2.98
N ASP C 219 -23.32 37.70 2.13
CA ASP C 219 -24.38 38.67 2.50
C ASP C 219 -25.76 38.01 2.49
N ASP C 220 -25.83 36.70 2.20
CA ASP C 220 -27.08 35.92 2.07
C ASP C 220 -27.77 35.82 3.45
N VAL C 221 -29.10 36.04 3.49
CA VAL C 221 -29.95 36.14 4.71
C VAL C 221 -29.90 34.84 5.52
N VAL C 222 -29.87 33.69 4.83
CA VAL C 222 -29.89 32.33 5.43
C VAL C 222 -28.45 31.89 5.75
N GLY C 223 -27.46 32.74 5.44
CA GLY C 223 -26.06 32.58 5.85
C GLY C 223 -25.25 31.75 4.87
N ARG C 224 -25.66 31.67 3.60
CA ARG C 224 -24.87 31.01 2.53
C ARG C 224 -23.54 31.75 2.35
N LYS C 225 -22.50 30.99 2.01
CA LYS C 225 -21.16 31.47 1.61
C LYS C 225 -20.85 30.89 0.24
N GLY C 226 -20.71 31.74 -0.77
CA GLY C 226 -20.31 31.31 -2.11
C GLY C 226 -19.64 32.40 -2.90
N VAL C 227 -19.26 32.04 -4.13
CA VAL C 227 -18.61 32.92 -5.12
C VAL C 227 -19.29 32.65 -6.45
N TYR C 228 -19.81 33.70 -7.10
CA TYR C 228 -20.29 33.67 -8.50
C TYR C 228 -19.10 33.97 -9.42
N ASP C 229 -19.00 33.25 -10.54
N ASP C 229 -19.10 33.33 -10.59
CA ASP C 229 -18.00 33.56 -11.58
CA ASP C 229 -18.26 33.74 -11.75
C ASP C 229 -18.63 34.54 -12.58
C ASP C 229 -19.17 34.06 -12.93
N LEU C 230 -17.95 35.67 -12.83
N LEU C 230 -19.14 35.33 -13.37
CA LEU C 230 -18.46 36.75 -13.72
CA LEU C 230 -19.84 35.85 -14.57
C LEU C 230 -17.47 37.02 -14.85
C LEU C 230 -19.83 34.79 -15.67
N ILE C 231 -16.61 36.04 -15.19
N ILE C 231 -19.21 35.12 -16.80
CA ILE C 231 -15.54 36.16 -16.22
CA ILE C 231 -19.05 34.18 -17.94
C ILE C 231 -16.17 36.58 -17.55
C ILE C 231 -20.11 34.53 -18.99
N GLY C 232 -17.38 36.07 -17.85
N GLY C 232 -21.27 35.01 -18.54
CA GLY C 232 -18.11 36.39 -19.09
CA GLY C 232 -22.28 35.68 -19.39
C GLY C 232 -18.73 37.77 -19.00
C GLY C 232 -22.50 37.12 -18.95
N GLU C 233 -19.43 38.05 -17.90
N GLU C 233 -21.43 37.81 -18.56
CA GLU C 233 -20.15 39.34 -17.66
CA GLU C 233 -21.48 39.14 -17.88
C GLU C 233 -19.37 40.45 -18.35
C GLU C 233 -20.07 39.77 -17.81
N HIS C 234 -18.05 40.33 -18.37
N HIS C 234 -19.18 39.45 -18.76
CA HIS C 234 -17.13 41.24 -19.10
CA HIS C 234 -17.90 40.17 -19.01
C HIS C 234 -16.45 40.45 -20.23
C HIS C 234 -17.02 39.37 -20.00
N GLY C 235 -15.68 39.41 -19.89
CA GLY C 235 -14.76 38.73 -20.85
C GLY C 235 -15.25 38.49 -22.27
N VAL C 236 -14.29 38.40 -23.21
CA VAL C 236 -14.51 38.07 -24.66
C VAL C 236 -14.47 36.55 -24.79
N PRO C 237 -15.56 35.86 -25.22
CA PRO C 237 -15.52 34.40 -25.38
C PRO C 237 -14.58 34.02 -26.53
N VAL C 238 -13.82 32.94 -26.38
CA VAL C 238 -12.94 32.37 -27.45
C VAL C 238 -13.75 31.31 -28.19
N PHE C 239 -14.05 31.56 -29.47
CA PHE C 239 -14.71 30.59 -30.40
C PHE C 239 -13.70 30.17 -31.49
N GLU C 240 -12.55 30.82 -31.57
CA GLU C 240 -11.49 30.49 -32.55
C GLU C 240 -10.16 30.43 -31.81
N GLY C 241 -9.76 29.21 -31.44
CA GLY C 241 -8.49 28.95 -30.76
C GLY C 241 -7.35 28.97 -31.75
N THR C 242 -6.33 29.78 -31.49
CA THR C 242 -5.24 30.05 -32.44
C THR C 242 -3.90 29.59 -31.88
N ILE C 243 -3.02 29.13 -32.76
CA ILE C 243 -1.58 28.88 -32.41
C ILE C 243 -0.72 29.56 -33.48
N GLY C 244 0.08 30.54 -33.08
CA GLY C 244 0.87 31.41 -33.98
C GLY C 244 -0.02 32.20 -34.93
N GLY C 245 -1.24 32.53 -34.49
CA GLY C 245 -2.24 33.26 -35.30
C GLY C 245 -3.17 32.32 -36.05
N GLU C 246 -2.65 31.21 -36.58
CA GLU C 246 -3.42 30.18 -37.35
C GLU C 246 -4.51 29.61 -36.43
N VAL C 247 -5.72 29.38 -36.96
CA VAL C 247 -6.92 28.91 -36.18
C VAL C 247 -6.97 27.39 -36.26
N VAL C 248 -6.87 26.71 -35.12
CA VAL C 248 -6.65 25.23 -35.03
C VAL C 248 -7.86 24.53 -34.39
N ARG C 249 -8.79 25.27 -33.78
CA ARG C 249 -10.00 24.70 -33.11
C ARG C 249 -11.07 25.77 -32.95
N GLU C 250 -12.31 25.45 -33.33
CA GLU C 250 -13.48 26.32 -33.14
C GLU C 250 -14.24 25.80 -31.92
N GLY C 251 -14.74 26.69 -31.06
CA GLY C 251 -15.77 26.34 -30.07
C GLY C 251 -17.05 25.96 -30.79
N ALA C 252 -18.13 25.73 -30.06
CA ALA C 252 -19.46 25.32 -30.59
C ALA C 252 -20.41 26.54 -30.67
N TYR C 253 -21.05 26.73 -31.83
CA TYR C 253 -21.88 27.91 -32.17
C TYR C 253 -23.37 27.56 -32.16
N GLY C 254 -23.83 26.77 -31.20
CA GLY C 254 -25.26 26.46 -31.02
C GLY C 254 -26.08 27.69 -30.64
N GLU C 255 -27.41 27.56 -30.65
CA GLU C 255 -28.38 28.64 -30.33
C GLU C 255 -28.73 28.61 -28.83
N LYS C 256 -28.56 27.46 -28.16
CA LYS C 256 -28.92 27.29 -26.72
C LYS C 256 -27.84 27.93 -25.85
N ILE C 257 -28.24 28.95 -25.09
CA ILE C 257 -27.40 29.70 -24.12
C ILE C 257 -27.58 29.03 -22.76
N VAL C 258 -26.51 28.46 -22.21
CA VAL C 258 -26.48 27.78 -20.88
C VAL C 258 -25.33 28.38 -20.06
N ALA C 259 -25.31 28.13 -18.76
CA ALA C 259 -24.21 28.54 -17.85
C ALA C 259 -24.05 30.06 -17.90
N ASN C 260 -25.17 30.79 -17.94
CA ASN C 260 -25.21 32.26 -17.69
C ASN C 260 -24.54 32.53 -16.33
N ASP C 261 -24.95 31.80 -15.29
CA ASP C 261 -24.38 31.94 -13.93
C ASP C 261 -23.80 30.59 -13.46
N ILE C 262 -22.56 30.66 -12.96
CA ILE C 262 -21.84 29.56 -12.27
C ILE C 262 -21.46 30.05 -10.86
N SER C 263 -21.88 29.34 -9.82
CA SER C 263 -21.47 29.67 -8.43
C SER C 263 -21.03 28.43 -7.65
N ILE C 264 -20.16 28.66 -6.69
CA ILE C 264 -19.62 27.64 -5.75
C ILE C 264 -19.94 28.10 -4.33
N TRP C 265 -20.47 27.19 -3.51
CA TRP C 265 -20.93 27.45 -2.13
C TRP C 265 -20.24 26.48 -1.18
N LEU C 266 -19.90 26.94 0.03
CA LEU C 266 -19.59 26.03 1.15
C LEU C 266 -20.80 25.12 1.34
N PRO C 267 -20.58 23.83 1.70
CA PRO C 267 -19.24 23.30 1.98
C PRO C 267 -18.49 22.77 0.76
N GLY C 268 -19.15 22.79 -0.41
CA GLY C 268 -18.53 22.42 -1.70
C GLY C 268 -19.59 21.92 -2.65
N VAL C 269 -20.45 22.83 -3.11
CA VAL C 269 -21.58 22.53 -4.03
C VAL C 269 -21.63 23.61 -5.12
N LEU C 270 -21.56 23.17 -6.37
CA LEU C 270 -21.55 24.02 -7.58
C LEU C 270 -22.99 24.15 -8.07
N LYS C 271 -23.36 25.34 -8.51
CA LYS C 271 -24.65 25.61 -9.17
C LYS C 271 -24.33 26.22 -10.52
N VAL C 272 -24.84 25.62 -11.58
CA VAL C 272 -24.66 26.11 -12.99
C VAL C 272 -26.05 26.35 -13.56
N ASN C 273 -26.38 27.60 -13.88
CA ASN C 273 -27.75 27.97 -14.32
C ASN C 273 -27.67 28.89 -15.53
N PRO C 274 -28.43 28.60 -16.61
CA PRO C 274 -29.13 27.33 -16.76
C PRO C 274 -28.23 26.23 -17.35
N PHE C 275 -28.59 24.96 -17.14
CA PHE C 275 -27.82 23.78 -17.62
C PHE C 275 -28.53 22.49 -17.24
N PRO C 276 -28.51 21.44 -18.10
CA PRO C 276 -27.91 21.48 -19.44
C PRO C 276 -28.84 22.06 -20.51
N ASN C 277 -29.97 22.64 -20.07
CA ASN C 277 -31.06 23.18 -20.92
C ASN C 277 -31.51 24.50 -20.28
N PRO C 278 -32.04 25.47 -21.06
CA PRO C 278 -32.45 26.77 -20.52
C PRO C 278 -33.50 26.64 -19.40
N ASP C 279 -34.23 25.54 -19.43
CA ASP C 279 -35.32 25.19 -18.47
CA ASP C 279 -35.30 25.22 -18.45
C ASP C 279 -34.78 24.30 -17.35
N MET C 280 -33.62 24.62 -16.76
CA MET C 280 -33.01 23.72 -15.73
C MET C 280 -31.82 24.37 -15.02
N MET C 281 -31.44 23.74 -13.89
CA MET C 281 -30.22 24.02 -13.10
C MET C 281 -29.54 22.70 -12.71
N GLN C 282 -28.21 22.63 -12.76
CA GLN C 282 -27.42 21.49 -12.23
C GLN C 282 -26.84 21.91 -10.86
N PHE C 283 -27.16 21.17 -9.81
CA PHE C 283 -26.49 21.34 -8.49
C PHE C 283 -25.71 20.05 -8.24
N GLU C 284 -24.41 20.15 -8.05
CA GLU C 284 -23.52 18.96 -7.84
C GLU C 284 -22.61 19.21 -6.64
N TRP C 285 -22.61 18.27 -5.69
CA TRP C 285 -21.73 18.27 -4.50
C TRP C 285 -20.51 17.38 -4.76
N TYR C 286 -19.39 17.78 -4.16
CA TYR C 286 -18.11 17.02 -4.11
C TYR C 286 -17.86 16.74 -2.63
N VAL C 287 -18.43 15.63 -2.13
CA VAL C 287 -18.52 15.31 -0.68
C VAL C 287 -17.26 14.54 -0.28
N PRO C 288 -16.49 15.00 0.73
CA PRO C 288 -15.33 14.25 1.23
C PRO C 288 -15.72 12.91 1.87
N ILE C 289 -15.18 11.82 1.31
CA ILE C 289 -15.29 10.44 1.87
C ILE C 289 -14.05 10.24 2.73
N ASP C 290 -12.88 10.48 2.14
CA ASP C 290 -11.57 10.54 2.84
C ASP C 290 -10.66 11.42 1.98
N GLU C 291 -9.35 11.44 2.26
CA GLU C 291 -8.39 12.35 1.59
C GLU C 291 -8.28 12.02 0.09
N ASN C 292 -8.57 10.80 -0.34
CA ASN C 292 -8.37 10.32 -1.73
C ASN C 292 -9.69 10.25 -2.53
N THR C 293 -10.83 10.41 -1.88
CA THR C 293 -12.14 9.95 -2.42
C THR C 293 -13.22 11.00 -2.14
N HIS C 294 -14.20 11.10 -3.05
CA HIS C 294 -15.41 11.94 -2.89
C HIS C 294 -16.63 11.28 -3.56
N TYR C 295 -17.80 11.55 -2.99
CA TYR C 295 -19.11 11.38 -3.67
C TYR C 295 -19.24 12.53 -4.66
N TYR C 296 -19.46 12.18 -5.91
CA TYR C 296 -19.87 13.12 -6.97
C TYR C 296 -21.38 13.06 -6.98
N PHE C 297 -22.00 13.93 -6.18
CA PHE C 297 -23.46 13.91 -5.92
C PHE C 297 -24.11 14.93 -6.84
N GLN C 298 -24.63 14.45 -7.97
CA GLN C 298 -25.09 15.26 -9.11
C GLN C 298 -26.61 15.34 -9.05
N THR C 299 -27.17 16.54 -9.17
CA THR C 299 -28.63 16.77 -9.18
C THR C 299 -28.98 17.74 -10.31
N LEU C 300 -30.10 17.46 -10.97
CA LEU C 300 -30.71 18.38 -11.96
C LEU C 300 -32.03 18.85 -11.37
N GLY C 301 -32.22 20.17 -11.35
CA GLY C 301 -33.44 20.83 -10.86
C GLY C 301 -34.25 21.37 -12.01
N LYS C 302 -35.54 21.08 -12.02
CA LYS C 302 -36.50 21.78 -12.91
C LYS C 302 -37.69 22.24 -12.08
N PRO C 303 -38.07 23.53 -12.15
CA PRO C 303 -39.35 23.97 -11.60
C PRO C 303 -40.50 23.22 -12.30
N CYS C 304 -41.34 22.56 -11.51
CA CYS C 304 -42.60 21.90 -11.96
C CYS C 304 -43.76 22.46 -11.10
N ALA C 305 -44.92 22.73 -11.73
CA ALA C 305 -46.14 23.30 -11.12
C ALA C 305 -47.15 22.20 -10.77
N ASN C 306 -47.23 21.14 -11.59
CA ASN C 306 -48.22 20.04 -11.47
C ASN C 306 -47.53 18.68 -11.61
N ASP C 307 -48.19 17.61 -11.17
CA ASP C 307 -47.61 16.24 -11.07
C ASP C 307 -47.42 15.65 -12.48
N GLU C 308 -48.10 16.20 -13.49
CA GLU C 308 -47.90 15.83 -14.92
C GLU C 308 -46.54 16.38 -15.39
N GLU C 309 -46.16 17.57 -14.91
CA GLU C 309 -44.86 18.23 -15.26
C GLU C 309 -43.72 17.48 -14.56
N ARG C 310 -43.94 17.13 -13.29
CA ARG C 310 -43.05 16.24 -12.51
C ARG C 310 -42.74 14.99 -13.35
N LYS C 311 -43.78 14.27 -13.75
CA LYS C 311 -43.67 12.94 -14.43
C LYS C 311 -43.05 13.12 -15.82
N LYS C 312 -43.31 14.22 -16.52
CA LYS C 312 -42.67 14.46 -17.85
C LYS C 312 -41.15 14.65 -17.64
N TYR C 313 -40.78 15.45 -16.64
CA TYR C 313 -39.37 15.72 -16.27
C TYR C 313 -38.67 14.40 -15.92
N GLU C 314 -39.29 13.61 -15.04
CA GLU C 314 -38.84 12.27 -14.60
C GLU C 314 -38.48 11.42 -15.82
N GLN C 315 -39.30 11.46 -16.88
CA GLN C 315 -39.08 10.71 -18.14
C GLN C 315 -37.89 11.31 -18.88
N GLU C 316 -37.87 12.63 -19.07
CA GLU C 316 -36.80 13.35 -19.81
C GLU C 316 -35.45 13.12 -19.13
N PHE C 317 -35.43 13.06 -17.80
CA PHE C 317 -34.20 12.79 -17.00
C PHE C 317 -33.62 11.44 -17.43
N GLU C 318 -34.42 10.38 -17.32
CA GLU C 318 -34.03 8.98 -17.64
C GLU C 318 -33.61 8.85 -19.11
N SER C 319 -34.41 9.32 -20.07
CA SER C 319 -34.13 9.16 -21.52
C SER C 319 -33.01 10.11 -21.98
N LYS C 320 -33.01 11.39 -21.57
CA LYS C 320 -32.11 12.43 -22.16
C LYS C 320 -31.00 12.87 -21.19
N TRP C 321 -31.34 13.52 -20.08
CA TRP C 321 -30.38 14.31 -19.27
C TRP C 321 -29.42 13.43 -18.47
N LYS C 322 -29.89 12.36 -17.81
CA LYS C 322 -28.95 11.48 -17.08
C LYS C 322 -27.86 10.98 -18.03
N PRO C 323 -28.16 10.18 -19.08
CA PRO C 323 -27.11 9.63 -19.97
C PRO C 323 -26.30 10.63 -20.82
N MET C 324 -26.91 11.74 -21.27
CA MET C 324 -26.32 12.73 -22.21
C MET C 324 -25.53 13.81 -21.43
N ALA C 325 -26.06 14.30 -20.31
CA ALA C 325 -25.44 15.38 -19.49
C ALA C 325 -24.70 14.79 -18.29
N LEU C 326 -25.38 14.17 -17.34
CA LEU C 326 -24.76 13.70 -16.07
C LEU C 326 -23.66 12.67 -16.36
N GLU C 327 -23.80 11.87 -17.41
CA GLU C 327 -22.78 10.87 -17.82
C GLU C 327 -21.92 11.45 -18.96
N GLY C 328 -22.53 11.74 -20.12
CA GLY C 328 -21.81 12.03 -21.37
C GLY C 328 -21.25 13.45 -21.47
N PHE C 329 -21.55 14.33 -20.51
CA PHE C 329 -20.85 15.62 -20.35
C PHE C 329 -19.85 15.50 -19.20
N ASN C 330 -20.34 15.09 -18.03
CA ASN C 330 -19.58 15.17 -16.76
C ASN C 330 -18.51 14.07 -16.67
N ASN C 331 -18.59 13.02 -17.50
CA ASN C 331 -17.61 11.90 -17.48
C ASN C 331 -16.21 12.49 -17.69
N ASP C 332 -16.08 13.43 -18.62
CA ASP C 332 -14.81 14.15 -18.87
C ASP C 332 -14.35 14.86 -17.59
N ASP C 333 -15.27 15.31 -16.72
CA ASP C 333 -14.90 16.02 -15.46
C ASP C 333 -14.27 15.02 -14.48
N ILE C 334 -14.73 13.76 -14.50
CA ILE C 334 -14.18 12.66 -13.65
C ILE C 334 -12.71 12.44 -14.04
N TRP C 335 -12.42 12.23 -15.34
CA TRP C 335 -11.05 11.99 -15.88
C TRP C 335 -10.14 13.15 -15.49
N ALA C 336 -10.64 14.38 -15.59
CA ALA C 336 -9.91 15.63 -15.32
C ALA C 336 -9.45 15.64 -13.86
N ARG C 337 -10.36 15.37 -12.94
CA ARG C 337 -10.08 15.34 -11.48
C ARG C 337 -9.00 14.32 -11.17
N GLU C 338 -9.14 13.10 -11.71
CA GLU C 338 -8.21 11.96 -11.53
C GLU C 338 -6.81 12.39 -12.01
N ALA C 339 -6.73 13.16 -13.09
CA ALA C 339 -5.44 13.63 -13.69
C ALA C 339 -4.72 14.62 -12.77
N MET C 340 -5.41 15.27 -11.84
CA MET C 340 -4.77 16.25 -10.92
C MET C 340 -4.28 15.54 -9.66
N VAL C 341 -4.68 14.29 -9.45
CA VAL C 341 -4.38 13.57 -8.16
C VAL C 341 -2.88 13.63 -7.87
N ASP C 342 -2.03 13.20 -8.81
CA ASP C 342 -0.56 13.02 -8.60
C ASP C 342 0.11 14.35 -8.22
N PHE C 343 -0.29 15.47 -8.80
CA PHE C 343 0.42 16.77 -8.61
C PHE C 343 0.07 17.33 -7.24
N TYR C 344 -1.09 16.96 -6.69
CA TYR C 344 -1.55 17.42 -5.36
C TYR C 344 -1.41 16.31 -4.30
N ALA C 345 -1.05 15.08 -4.70
CA ALA C 345 -0.97 13.86 -3.86
C ALA C 345 -0.10 14.10 -2.61
N ASP C 346 0.97 14.89 -2.78
CA ASP C 346 2.05 15.14 -1.79
C ASP C 346 1.80 16.45 -1.05
N ASP C 347 0.68 17.13 -1.36
CA ASP C 347 0.30 18.48 -0.86
C ASP C 347 1.19 19.57 -1.47
N LYS C 348 2.08 19.25 -2.43
CA LYS C 348 3.07 20.22 -2.98
C LYS C 348 2.49 20.91 -4.21
N GLY C 349 1.50 20.29 -4.87
CA GLY C 349 0.77 20.93 -5.98
C GLY C 349 0.36 22.35 -5.62
N TRP C 350 -0.13 22.58 -4.40
CA TRP C 350 -0.63 23.90 -3.94
C TRP C 350 0.42 25.02 -4.11
N VAL C 351 1.73 24.72 -4.03
CA VAL C 351 2.82 25.74 -4.16
C VAL C 351 3.47 25.72 -5.56
N ASN C 352 3.50 24.58 -6.26
CA ASN C 352 4.24 24.46 -7.56
C ASN C 352 3.31 24.75 -8.73
N GLU C 353 1.99 24.80 -8.50
CA GLU C 353 1.01 25.18 -9.56
C GLU C 353 1.37 26.58 -10.08
N ILE C 354 1.11 26.84 -11.36
CA ILE C 354 1.19 28.20 -11.95
C ILE C 354 -0.20 28.57 -12.46
N LEU C 355 -0.91 29.44 -11.74
CA LEU C 355 -2.27 29.87 -12.12
C LEU C 355 -2.15 30.99 -13.15
N PHE C 356 -3.21 31.16 -13.94
CA PHE C 356 -3.41 32.28 -14.89
C PHE C 356 -4.76 32.93 -14.57
N GLU C 357 -5.15 33.94 -15.35
CA GLU C 357 -6.18 34.95 -14.99
C GLU C 357 -7.53 34.27 -14.68
N SER C 358 -7.98 33.33 -15.52
CA SER C 358 -9.27 32.61 -15.35
C SER C 358 -9.35 31.86 -14.00
N ASP C 359 -8.24 31.68 -13.29
CA ASP C 359 -8.25 31.03 -11.95
C ASP C 359 -8.54 32.05 -10.83
N GLU C 360 -8.85 33.32 -11.14
CA GLU C 360 -9.22 34.34 -10.12
C GLU C 360 -10.43 33.82 -9.35
N ALA C 361 -11.40 33.27 -10.08
CA ALA C 361 -12.56 32.50 -9.56
C ALA C 361 -12.12 31.47 -8.50
N ILE C 362 -11.23 30.56 -8.86
CA ILE C 362 -10.70 29.49 -7.97
C ILE C 362 -10.07 30.14 -6.73
N VAL C 363 -9.30 31.22 -6.91
CA VAL C 363 -8.60 31.92 -5.79
C VAL C 363 -9.63 32.46 -4.79
N ALA C 364 -10.68 33.15 -5.25
CA ALA C 364 -11.73 33.75 -4.37
C ALA C 364 -12.44 32.64 -3.59
N TRP C 365 -12.80 31.54 -4.25
CA TRP C 365 -13.37 30.33 -3.60
C TRP C 365 -12.43 29.86 -2.47
N ARG C 366 -11.13 29.79 -2.71
CA ARG C 366 -10.16 29.28 -1.69
C ARG C 366 -10.15 30.22 -0.47
N LYS C 367 -10.21 31.53 -0.71
CA LYS C 367 -10.24 32.56 0.36
C LYS C 367 -11.57 32.45 1.12
N LEU C 368 -12.68 32.44 0.38
CA LEU C 368 -14.07 32.22 0.85
C LEU C 368 -14.09 30.96 1.73
N ALA C 369 -13.64 29.82 1.19
CA ALA C 369 -13.57 28.52 1.89
C ALA C 369 -12.76 28.66 3.19
N SER C 370 -11.62 29.35 3.12
CA SER C 370 -10.66 29.52 4.24
C SER C 370 -11.28 30.31 5.39
N GLU C 371 -11.97 31.43 5.12
CA GLU C 371 -12.49 32.35 6.17
C GLU C 371 -13.86 31.90 6.70
N HIS C 372 -14.70 31.24 5.89
CA HIS C 372 -16.14 31.04 6.23
C HIS C 372 -16.47 29.57 6.54
N ASN C 373 -15.51 28.65 6.55
CA ASN C 373 -15.74 27.22 6.85
C ASN C 373 -16.04 27.07 8.34
N GLN C 374 -16.88 26.10 8.69
CA GLN C 374 -17.39 25.93 10.08
C GLN C 374 -16.47 24.99 10.87
N GLY C 375 -15.31 24.64 10.31
CA GLY C 375 -14.29 23.86 11.04
C GLY C 375 -13.50 23.00 10.07
N ILE C 376 -12.29 22.63 10.45
CA ILE C 376 -11.38 21.77 9.63
C ILE C 376 -11.40 20.36 10.22
N GLN C 377 -11.97 19.39 9.51
CA GLN C 377 -11.93 17.96 9.92
C GLN C 377 -10.46 17.54 9.96
N THR C 378 -10.09 16.79 10.98
CA THR C 378 -8.70 16.30 11.17
C THR C 378 -8.76 14.81 11.46
N GLN C 379 -7.61 14.14 11.35
CA GLN C 379 -7.41 12.74 11.80
C GLN C 379 -7.86 12.61 13.27
N ALA C 380 -7.73 13.65 14.08
CA ALA C 380 -8.23 13.70 15.46
C ALA C 380 -9.73 13.34 15.50
N HIS C 381 -10.53 13.92 14.60
CA HIS C 381 -11.99 13.67 14.52
C HIS C 381 -12.24 12.22 14.09
N VAL C 382 -11.37 11.71 13.20
CA VAL C 382 -11.50 10.34 12.61
C VAL C 382 -11.16 9.30 13.70
N SER C 383 -10.07 9.51 14.44
CA SER C 383 -9.46 8.53 15.37
C SER C 383 -9.90 8.82 16.82
N GLY C 384 -9.30 9.84 17.44
CA GLY C 384 -9.66 10.30 18.80
C GLY C 384 -11.12 10.75 18.88
#